data_6GWS
#
_entry.id   6GWS
#
_cell.length_a   79.240
_cell.length_b   89.750
_cell.length_c   85.130
_cell.angle_alpha   90.000
_cell.angle_beta   117.250
_cell.angle_gamma   90.000
#
_symmetry.space_group_name_H-M   'P 1 21 1'
#
loop_
_entity.id
_entity.type
_entity.pdbx_description
1 polymer 'Proliferating cell nuclear antigen'
2 polymer 'PCNA-associated factor'
3 water water
#
loop_
_entity_poly.entity_id
_entity_poly.type
_entity_poly.pdbx_seq_one_letter_code
_entity_poly.pdbx_strand_id
1 'polypeptide(L)'
;GPHMFEARLVQGSILKKVLEALKDLINEACWDISSSGVNLQSMDSSHVSLVQLTLRSEGFDTYRCDRNLAMGVNLTSMSK
ILKCAGNEDIITLRAEDNADTLALVFEAPNQEKVSDYEMKLMDLDVEQLGIPEQEYSCVVKMPSGEFARICRDLSHIGDA
VVISCAKDGVKFSASGELGNGNIKLSQTSNVDKEEEAVTIEMNEPVQLTFALRYLNFFTKATPLSSTVTLSMSADVPLVV
EYKIADMGHLKYYLAPKIEDEEGS
;
A,B,C
2 'polypeptide(L)' RKAENKYAGGNPVCVRPTPKWQKGIGEFFRLS D,E,F
#
# COMPACT_ATOMS: atom_id res chain seq x y z
N MET A 4 34.11 15.05 22.63
CA MET A 4 33.81 15.19 21.21
C MET A 4 33.72 13.84 20.54
N PHE A 5 32.61 13.61 19.85
CA PHE A 5 32.39 12.38 19.13
C PHE A 5 32.04 12.77 17.72
N GLU A 6 32.56 12.05 16.76
CA GLU A 6 32.28 12.37 15.38
C GLU A 6 32.55 11.14 14.55
N ALA A 7 31.52 10.67 13.87
CA ALA A 7 31.61 9.51 13.03
C ALA A 7 30.89 9.72 11.70
N ARG A 8 31.60 9.39 10.63
CA ARG A 8 31.17 9.64 9.32
C ARG A 8 30.96 8.21 8.81
N LEU A 9 29.73 7.93 8.42
CA LEU A 9 29.33 6.68 7.88
C LEU A 9 28.88 6.77 6.40
N VAL A 10 29.74 6.38 5.45
CA VAL A 10 29.36 6.40 4.03
C VAL A 10 28.02 5.73 3.75
N GLN A 11 27.82 4.51 4.28
CA GLN A 11 26.56 3.82 4.08
C GLN A 11 25.58 4.23 5.20
N GLY A 12 25.01 5.43 5.01
CA GLY A 12 24.05 6.01 5.94
C GLY A 12 22.84 5.13 6.16
N SER A 13 22.45 4.44 5.09
CA SER A 13 21.36 3.49 5.12
C SER A 13 21.49 2.56 6.37
N ILE A 14 22.67 2.00 6.66
CA ILE A 14 22.83 1.19 7.87
C ILE A 14 22.14 1.79 9.13
N LEU A 15 22.36 3.07 9.37
CA LEU A 15 21.77 3.70 10.51
C LEU A 15 20.20 3.84 10.49
N LYS A 16 19.61 3.98 9.31
CA LYS A 16 18.14 4.03 9.23
C LYS A 16 17.62 2.62 9.51
N LYS A 17 18.24 1.63 8.90
CA LYS A 17 17.83 0.26 9.04
C LYS A 17 17.85 -0.22 10.44
N VAL A 18 18.84 0.16 11.19
CA VAL A 18 18.87 -0.26 12.55
C VAL A 18 17.69 0.29 13.29
N LEU A 19 17.37 1.54 13.09
CA LEU A 19 16.28 2.16 13.78
C LEU A 19 14.95 1.56 13.43
N GLU A 20 14.76 1.23 12.17
CA GLU A 20 13.50 0.68 11.75
C GLU A 20 13.30 -0.58 12.52
N ALA A 21 14.36 -1.32 12.68
CA ALA A 21 14.30 -2.54 13.41
C ALA A 21 14.01 -2.36 14.87
N LEU A 22 14.43 -1.27 15.46
CA LEU A 22 14.29 -1.18 16.88
C LEU A 22 13.12 -0.36 17.40
N LYS A 23 12.75 0.73 16.73
CA LYS A 23 11.67 1.68 17.19
C LYS A 23 10.49 0.98 17.79
N ASP A 24 10.15 -0.17 17.20
CA ASP A 24 8.97 -0.97 17.53
C ASP A 24 9.03 -1.81 18.82
N LEU A 25 10.24 -2.27 19.13
CA LEU A 25 10.56 -3.07 20.30
C LEU A 25 11.00 -2.31 21.56
N ILE A 26 11.76 -1.23 21.34
CA ILE A 26 12.41 -0.39 22.37
C ILE A 26 11.90 1.07 22.23
N ASN A 27 11.33 1.60 23.29
CA ASN A 27 10.96 3.01 23.28
C ASN A 27 12.19 3.84 23.37
N GLU A 28 13.16 3.44 24.20
CA GLU A 28 14.39 4.22 24.46
C GLU A 28 15.61 3.42 24.95
N ALA A 29 16.80 4.01 24.91
CA ALA A 29 18.02 3.19 25.09
C ALA A 29 19.27 4.02 25.19
N CYS A 30 20.25 3.53 25.91
CA CYS A 30 21.51 4.21 26.01
C CYS A 30 22.40 3.77 24.90
N TRP A 31 22.96 4.73 24.18
CA TRP A 31 23.88 4.39 23.13
C TRP A 31 25.17 4.68 23.84
N ASP A 32 26.00 3.67 24.01
CA ASP A 32 27.25 3.86 24.72
C ASP A 32 28.34 3.96 23.67
N ILE A 33 29.09 5.05 23.71
CA ILE A 33 30.14 5.26 22.74
C ILE A 33 31.53 5.22 23.32
N SER A 34 32.42 4.50 22.66
CA SER A 34 33.79 4.39 23.09
C SER A 34 34.61 4.46 21.84
N SER A 35 35.89 4.59 21.98
CA SER A 35 36.76 4.65 20.83
C SER A 35 36.58 3.36 20.08
N SER A 36 36.25 2.31 20.79
CA SER A 36 36.06 1.03 20.16
C SER A 36 34.95 1.18 19.17
N GLY A 37 33.89 1.86 19.57
CA GLY A 37 32.77 2.05 18.69
C GLY A 37 31.46 2.36 19.37
N VAL A 38 30.40 2.14 18.64
CA VAL A 38 29.09 2.37 19.15
C VAL A 38 28.47 1.05 19.48
N ASN A 39 28.08 0.89 20.73
CA ASN A 39 27.46 -0.32 21.15
C ASN A 39 26.22 -0.01 21.94
N LEU A 40 25.14 -0.71 21.61
CA LEU A 40 23.88 -0.51 22.29
C LEU A 40 23.24 -1.82 22.73
N GLN A 41 22.79 -1.84 23.97
CA GLN A 41 22.12 -2.99 24.52
C GLN A 41 20.91 -2.55 25.33
N SER A 42 19.80 -3.25 25.20
CA SER A 42 18.61 -2.93 25.97
C SER A 42 17.56 -4.02 25.78
N MET A 43 16.69 -4.09 26.79
CA MET A 43 15.53 -4.97 26.92
C MET A 43 14.33 -4.21 26.36
N ASP A 44 13.37 -4.97 25.80
CA ASP A 44 12.11 -4.38 25.26
C ASP A 44 11.19 -3.85 26.33
N SER A 45 10.26 -2.96 25.96
CA SER A 45 9.43 -2.25 26.94
C SER A 45 8.77 -3.21 27.91
N SER A 46 8.42 -4.41 27.42
CA SER A 46 7.82 -5.47 28.24
C SER A 46 8.83 -6.50 28.93
N HIS A 47 10.12 -6.21 28.90
CA HIS A 47 11.19 -6.97 29.60
C HIS A 47 11.31 -8.44 29.24
N VAL A 48 11.02 -8.77 27.99
CA VAL A 48 11.08 -10.16 27.51
C VAL A 48 12.41 -10.53 26.82
N SER A 49 12.76 -9.74 25.83
CA SER A 49 13.84 -10.07 24.92
C SER A 49 14.96 -9.07 25.09
N LEU A 50 16.12 -9.45 24.61
CA LEU A 50 17.26 -8.58 24.70
C LEU A 50 17.91 -8.38 23.34
N VAL A 51 17.99 -7.09 23.01
CA VAL A 51 18.60 -6.67 21.79
C VAL A 51 19.95 -6.03 22.15
N GLN A 52 20.93 -6.33 21.32
CA GLN A 52 22.24 -5.82 21.49
C GLN A 52 22.75 -5.43 20.10
N LEU A 53 23.31 -4.23 20.01
CA LEU A 53 23.85 -3.69 18.76
C LEU A 53 25.32 -3.34 18.99
N THR A 54 26.11 -3.50 17.91
CA THR A 54 27.56 -3.25 17.93
C THR A 54 28.10 -2.73 16.60
N LEU A 55 28.44 -1.47 16.58
CA LEU A 55 29.10 -0.89 15.42
C LEU A 55 30.51 -0.54 15.87
N ARG A 56 31.45 -1.34 15.41
CA ARG A 56 32.82 -1.06 15.70
C ARG A 56 33.34 0.21 14.97
N SER A 57 34.19 1.02 15.65
CA SER A 57 34.89 2.16 14.99
C SER A 57 35.47 1.73 13.67
N GLU A 58 36.23 0.65 13.63
CA GLU A 58 36.84 0.11 12.36
C GLU A 58 35.96 0.34 11.13
N GLY A 59 34.68 0.08 11.32
CA GLY A 59 33.68 0.17 10.28
C GLY A 59 33.20 1.53 9.77
N PHE A 60 33.58 2.60 10.48
CA PHE A 60 33.38 4.02 10.07
C PHE A 60 34.51 4.75 9.21
N ASP A 61 34.13 5.53 8.17
CA ASP A 61 35.10 6.31 7.32
C ASP A 61 35.70 7.53 8.00
N THR A 62 35.44 7.66 9.32
CA THR A 62 35.85 8.76 10.23
C THR A 62 35.31 8.34 11.59
N TYR A 63 36.15 8.34 12.62
CA TYR A 63 35.69 8.05 13.95
C TYR A 63 36.62 8.70 14.97
N ARG A 64 36.04 9.44 15.91
CA ARG A 64 36.77 10.06 16.97
C ARG A 64 35.86 10.05 18.17
N CYS A 65 36.12 9.20 19.14
CA CYS A 65 35.61 9.40 20.48
C CYS A 65 36.79 9.79 21.38
N ASP A 66 36.56 10.80 22.21
CA ASP A 66 37.57 11.28 23.12
C ASP A 66 37.22 10.67 24.48
N ARG A 67 35.93 10.68 24.75
CA ARG A 67 35.42 10.45 26.07
C ARG A 67 34.22 9.58 25.98
N ASN A 68 34.15 8.56 26.83
CA ASN A 68 32.99 7.69 26.90
C ASN A 68 31.75 8.40 27.32
N LEU A 69 30.79 8.46 26.41
CA LEU A 69 29.51 9.06 26.72
C LEU A 69 28.45 8.06 26.40
N ALA A 70 27.41 8.15 27.22
CA ALA A 70 26.24 7.34 27.17
C ALA A 70 25.06 8.28 26.87
N MET A 71 24.51 8.11 25.64
CA MET A 71 23.44 8.96 25.14
C MET A 71 22.06 8.36 25.20
N GLY A 72 21.16 9.07 25.89
CA GLY A 72 19.78 8.63 26.19
C GLY A 72 18.84 9.09 25.10
N VAL A 73 18.35 8.10 24.33
CA VAL A 73 17.74 8.31 23.02
C VAL A 73 16.34 7.70 22.96
N ASN A 74 15.40 8.48 22.43
CA ASN A 74 14.05 8.02 22.09
C ASN A 74 14.00 7.46 20.71
N LEU A 75 13.97 6.13 20.62
CA LEU A 75 14.18 5.50 19.32
C LEU A 75 13.19 5.98 18.21
N THR A 76 11.94 6.28 18.56
CA THR A 76 10.99 6.83 17.56
C THR A 76 11.48 8.17 17.05
N SER A 77 11.63 9.11 17.95
CA SER A 77 12.20 10.40 17.60
C SER A 77 13.46 10.24 16.73
N MET A 78 14.32 9.29 17.04
CA MET A 78 15.54 9.14 16.24
C MET A 78 15.19 8.51 14.87
N SER A 79 14.17 7.66 14.85
CA SER A 79 13.71 7.07 13.62
C SER A 79 13.21 8.19 12.75
N LYS A 80 12.35 9.05 13.33
CA LYS A 80 11.71 10.18 12.62
C LYS A 80 12.66 11.08 11.87
N ILE A 81 13.76 11.43 12.57
CA ILE A 81 14.88 12.19 12.03
C ILE A 81 15.70 11.42 10.97
N LEU A 82 16.02 10.16 11.21
CA LEU A 82 16.72 9.43 10.21
C LEU A 82 15.94 9.25 8.86
N LYS A 83 14.63 9.33 8.93
CA LYS A 83 13.83 9.23 7.74
C LYS A 83 13.92 10.55 6.93
N CYS A 84 14.55 11.57 7.50
CA CYS A 84 14.87 12.79 6.77
C CYS A 84 16.14 12.70 5.95
N ALA A 85 16.68 11.49 5.81
CA ALA A 85 17.95 11.29 5.14
C ALA A 85 17.67 10.32 4.09
N GLY A 86 18.23 10.55 2.92
CA GLY A 86 18.20 9.62 1.82
C GLY A 86 18.94 8.36 2.08
N ASN A 87 18.48 7.26 1.50
CA ASN A 87 19.26 5.98 1.50
C ASN A 87 20.65 6.20 1.03
N GLU A 88 20.70 6.85 -0.13
CA GLU A 88 21.93 7.24 -0.78
C GLU A 88 22.79 8.10 0.12
N ASP A 89 22.23 8.81 1.07
CA ASP A 89 22.98 9.79 1.84
C ASP A 89 24.05 9.20 2.77
N ILE A 90 25.12 10.00 2.96
CA ILE A 90 26.22 9.78 3.93
C ILE A 90 25.78 10.46 5.22
N ILE A 91 26.12 9.88 6.35
CA ILE A 91 25.52 10.32 7.57
C ILE A 91 26.62 10.46 8.52
N THR A 92 26.76 11.69 9.02
CA THR A 92 27.67 11.99 10.11
C THR A 92 26.95 12.17 11.48
N LEU A 93 27.40 11.50 12.53
CA LEU A 93 26.96 11.80 13.88
C LEU A 93 28.02 12.62 14.62
N ARG A 94 27.61 13.77 15.16
CA ARG A 94 28.43 14.64 16.04
C ARG A 94 27.70 14.68 17.37
N ALA A 95 28.45 14.94 18.43
CA ALA A 95 27.97 15.06 19.82
C ALA A 95 29.16 15.59 20.65
N GLU A 96 28.92 16.63 21.45
CA GLU A 96 29.96 17.14 22.34
C GLU A 96 29.74 16.50 23.74
N ASP A 97 30.73 16.67 24.61
CA ASP A 97 30.73 16.05 25.93
C ASP A 97 29.62 16.64 26.81
N ASN A 98 29.00 15.75 27.62
CA ASN A 98 27.81 16.04 28.43
C ASN A 98 26.66 16.72 27.60
N ALA A 99 26.49 16.27 26.37
CA ALA A 99 25.52 16.87 25.44
C ALA A 99 24.10 16.68 25.96
N ASP A 100 23.25 17.68 25.75
CA ASP A 100 21.81 17.49 25.89
C ASP A 100 21.22 17.28 24.51
N THR A 101 22.11 17.12 23.54
CA THR A 101 21.71 17.00 22.18
C THR A 101 22.71 16.14 21.36
N LEU A 102 22.20 15.36 20.40
CA LEU A 102 23.01 14.66 19.37
C LEU A 102 22.66 15.21 18.02
N ALA A 103 23.68 15.40 17.22
CA ALA A 103 23.54 16.02 15.94
C ALA A 103 23.93 15.05 14.82
N LEU A 104 23.06 14.97 13.85
CA LEU A 104 23.26 14.17 12.69
C LEU A 104 23.35 15.06 11.45
N VAL A 105 24.04 14.60 10.44
CA VAL A 105 24.19 15.37 9.22
C VAL A 105 24.04 14.42 8.08
N PHE A 106 23.36 14.88 7.04
CA PHE A 106 23.09 14.06 5.88
C PHE A 106 23.57 14.80 4.60
N GLU A 107 24.50 14.18 3.88
CA GLU A 107 25.07 14.69 2.63
C GLU A 107 24.71 13.81 1.45
N ALA A 108 24.21 14.38 0.38
CA ALA A 108 23.74 13.58 -0.78
C ALA A 108 24.88 12.95 -1.73
N PRO A 109 24.52 12.29 -2.87
CA PRO A 109 25.46 12.08 -4.02
C PRO A 109 26.06 13.29 -4.71
N ASN A 110 25.42 14.45 -4.58
CA ASN A 110 25.94 15.67 -5.18
C ASN A 110 26.44 16.67 -4.16
N GLN A 111 25.95 16.51 -2.94
CA GLN A 111 26.29 17.40 -1.85
C GLN A 111 25.54 18.72 -2.06
N GLU A 112 24.56 18.69 -2.94
CA GLU A 112 23.77 19.87 -3.23
C GLU A 112 22.85 20.15 -2.09
N LYS A 113 22.36 19.10 -1.48
CA LYS A 113 21.48 19.25 -0.37
C LYS A 113 22.22 18.75 0.82
N VAL A 114 22.23 19.52 1.87
CA VAL A 114 22.88 19.11 3.09
C VAL A 114 21.89 19.34 4.17
N SER A 115 21.70 18.35 5.01
CA SER A 115 20.76 18.43 6.09
C SER A 115 21.49 18.15 7.37
N ASP A 116 21.22 19.00 8.33
CA ASP A 116 21.72 18.76 9.70
C ASP A 116 20.53 18.92 10.69
N TYR A 117 20.31 17.96 11.58
CA TYR A 117 19.24 18.02 12.58
C TYR A 117 19.85 17.94 13.99
N GLU A 118 19.13 18.46 14.99
CA GLU A 118 19.54 18.32 16.40
C GLU A 118 18.42 17.68 17.21
N MET A 119 18.69 16.45 17.68
CA MET A 119 17.68 15.63 18.38
C MET A 119 18.01 15.77 19.82
N LYS A 120 16.97 16.13 20.58
CA LYS A 120 17.07 16.27 22.02
C LYS A 120 17.21 14.89 22.69
N LEU A 121 18.22 14.78 23.56
CA LEU A 121 18.45 13.58 24.36
C LEU A 121 17.60 13.53 25.63
N MET A 122 17.79 12.48 26.42
CA MET A 122 17.09 12.30 27.69
C MET A 122 17.94 11.55 28.69
N ASP A 123 17.50 11.52 29.95
CA ASP A 123 18.25 10.85 30.99
C ASP A 123 17.67 9.46 31.22
N LEU A 124 18.54 8.46 31.28
CA LEU A 124 18.05 7.11 31.50
C LEU A 124 18.70 6.32 32.62
N ASP A 125 17.86 5.84 33.54
CA ASP A 125 18.30 5.04 34.66
C ASP A 125 18.31 3.61 34.19
N VAL A 126 19.29 3.26 33.36
CA VAL A 126 19.37 1.89 32.87
C VAL A 126 20.73 1.30 33.15
N GLU A 127 20.76 0.13 33.74
CA GLU A 127 22.05 -0.47 34.03
C GLU A 127 22.11 -1.75 33.23
N GLN A 128 23.35 -2.13 32.92
CA GLN A 128 23.69 -3.22 31.98
C GLN A 128 23.17 -4.62 32.41
N LEU A 129 23.20 -5.53 31.49
CA LEU A 129 23.01 -6.96 31.75
C LEU A 129 24.19 -7.72 31.14
N GLY A 130 24.75 -8.64 31.94
CA GLY A 130 25.95 -9.33 31.54
C GLY A 130 25.58 -10.47 30.63
N ILE A 131 26.33 -10.62 29.53
CA ILE A 131 25.93 -11.57 28.49
C ILE A 131 26.85 -12.79 28.51
N PRO A 132 26.36 -13.91 29.08
CA PRO A 132 27.16 -15.14 29.06
C PRO A 132 27.66 -15.47 27.66
N GLU A 133 28.98 -15.58 27.46
CA GLU A 133 29.49 -16.20 26.23
C GLU A 133 29.35 -17.68 26.41
N GLN A 134 28.89 -18.34 25.34
CA GLN A 134 28.48 -19.73 25.36
C GLN A 134 28.91 -20.50 24.09
N GLU A 135 28.92 -21.82 24.17
CA GLU A 135 28.91 -22.65 22.96
C GLU A 135 27.47 -23.15 22.95
N TYR A 136 26.94 -23.33 21.75
CA TYR A 136 25.52 -23.60 21.62
C TYR A 136 25.27 -25.00 20.98
N SER A 137 24.16 -25.61 21.38
CA SER A 137 23.80 -26.93 20.93
C SER A 137 23.61 -26.96 19.42
N CYS A 138 22.91 -25.97 18.89
CA CYS A 138 22.74 -25.92 17.45
C CYS A 138 22.82 -24.51 16.90
N VAL A 139 23.45 -24.37 15.74
CA VAL A 139 23.59 -23.09 15.11
C VAL A 139 23.21 -23.21 13.64
N VAL A 140 22.09 -22.59 13.31
CA VAL A 140 21.53 -22.58 11.98
C VAL A 140 21.77 -21.20 11.33
N LYS A 141 22.05 -21.24 10.02
CA LYS A 141 22.31 -20.09 9.19
C LYS A 141 21.67 -20.32 7.81
N MET A 142 20.95 -19.31 7.34
CA MET A 142 19.92 -19.43 6.32
C MET A 142 19.55 -18.04 5.83
N PRO A 143 18.87 -17.92 4.67
CA PRO A 143 18.41 -16.57 4.28
C PRO A 143 17.59 -15.88 5.38
N SER A 144 17.77 -14.57 5.49
CA SER A 144 17.10 -13.76 6.52
C SER A 144 15.62 -13.63 6.23
N GLY A 145 15.36 -13.55 4.92
CA GLY A 145 14.03 -13.42 4.38
C GLY A 145 13.27 -14.67 4.65
N GLU A 146 13.93 -15.80 4.35
CA GLU A 146 13.36 -17.12 4.56
C GLU A 146 13.02 -17.34 5.99
N PHE A 147 13.80 -16.76 6.88
CA PHE A 147 13.46 -16.91 8.31
C PHE A 147 12.20 -16.14 8.58
N ALA A 148 12.20 -14.89 8.08
CA ALA A 148 11.15 -13.88 8.32
C ALA A 148 9.82 -14.30 7.73
N ARG A 149 9.93 -15.00 6.61
CA ARG A 149 8.80 -15.62 5.97
C ARG A 149 8.23 -16.74 6.77
N ILE A 150 9.08 -17.55 7.39
CA ILE A 150 8.58 -18.66 8.15
C ILE A 150 7.86 -18.11 9.37
N CYS A 151 8.49 -17.21 10.11
CA CYS A 151 7.85 -16.69 11.30
C CYS A 151 6.61 -15.86 10.93
N ARG A 152 6.53 -15.47 9.66
CA ARG A 152 5.33 -14.76 9.22
C ARG A 152 4.23 -15.81 9.00
N ASP A 153 4.52 -16.81 8.18
CA ASP A 153 3.49 -17.70 7.72
C ASP A 153 2.90 -18.37 8.97
N LEU A 154 3.79 -18.89 9.83
CA LEU A 154 3.34 -19.68 11.00
C LEU A 154 2.69 -18.86 12.01
N SER A 155 2.88 -17.54 12.03
CA SER A 155 2.07 -16.66 12.90
C SER A 155 0.55 -16.73 12.63
N HIS A 156 0.22 -17.36 11.50
CA HIS A 156 -1.16 -17.54 11.13
C HIS A 156 -1.75 -18.72 11.72
N ILE A 157 -0.86 -19.62 12.08
CA ILE A 157 -1.23 -20.88 12.57
C ILE A 157 -1.35 -20.93 14.08
N GLY A 158 -0.57 -20.13 14.82
CA GLY A 158 -0.56 -20.20 16.29
C GLY A 158 0.42 -19.32 17.05
N ASP A 159 0.27 -19.23 18.39
CA ASP A 159 1.03 -18.28 19.27
C ASP A 159 2.57 -18.42 19.30
N ALA A 160 2.98 -19.66 19.06
CA ALA A 160 4.30 -20.12 19.28
C ALA A 160 4.96 -20.93 18.08
N VAL A 161 6.27 -20.92 17.91
CA VAL A 161 6.97 -21.83 16.95
C VAL A 161 7.91 -22.80 17.68
N VAL A 162 8.03 -24.01 17.08
CA VAL A 162 8.84 -25.12 17.60
C VAL A 162 9.99 -25.39 16.64
N ILE A 163 11.19 -25.11 17.09
CA ILE A 163 12.32 -25.36 16.24
C ILE A 163 13.03 -26.64 16.64
N SER A 164 13.07 -27.56 15.70
CA SER A 164 13.71 -28.83 15.91
C SER A 164 14.91 -28.86 15.02
N CYS A 165 16.03 -29.25 15.61
CA CYS A 165 17.28 -29.29 14.92
C CYS A 165 17.82 -30.69 14.71
N ALA A 166 18.20 -30.98 13.47
CA ALA A 166 18.74 -32.26 13.10
C ALA A 166 19.86 -32.04 12.11
N LYS A 167 20.72 -33.03 11.92
CA LYS A 167 21.82 -32.86 10.99
C LYS A 167 21.42 -32.62 9.56
N ASP A 168 20.44 -33.36 9.06
CA ASP A 168 20.05 -33.17 7.65
C ASP A 168 19.32 -31.86 7.38
N GLY A 169 18.53 -31.42 8.37
CA GLY A 169 17.67 -30.25 8.26
C GLY A 169 17.05 -29.77 9.58
N VAL A 170 16.45 -28.58 9.55
CA VAL A 170 15.88 -27.90 10.73
C VAL A 170 14.38 -27.62 10.39
N LYS A 171 13.52 -27.59 11.42
CA LYS A 171 12.10 -27.76 11.18
C LYS A 171 11.25 -26.91 12.15
N PHE A 172 10.44 -26.04 11.54
CA PHE A 172 9.61 -25.04 12.23
C PHE A 172 8.15 -25.48 12.16
N SER A 173 7.50 -25.53 13.32
CA SER A 173 6.14 -26.07 13.43
C SER A 173 5.30 -25.16 14.31
N ALA A 174 4.01 -25.08 14.05
CA ALA A 174 3.10 -24.43 15.03
C ALA A 174 1.72 -25.09 15.06
N SER A 175 0.86 -24.58 15.92
CA SER A 175 -0.51 -25.06 15.98
C SER A 175 -1.42 -24.09 16.78
N GLY A 176 -2.72 -24.27 16.68
CA GLY A 176 -3.71 -23.51 17.45
C GLY A 176 -5.05 -23.73 16.74
N GLU A 177 -6.05 -22.85 16.93
CA GLU A 177 -7.44 -23.14 16.54
C GLU A 177 -7.58 -23.60 15.07
N LEU A 178 -6.75 -22.99 14.23
CA LEU A 178 -6.82 -23.17 12.80
C LEU A 178 -6.51 -24.62 12.46
N GLY A 179 -5.39 -25.08 13.00
CA GLY A 179 -4.92 -26.43 12.79
C GLY A 179 -3.43 -26.44 13.09
N ASN A 180 -2.65 -27.12 12.24
CA ASN A 180 -1.28 -27.52 12.47
C ASN A 180 -0.47 -27.32 11.19
N GLY A 181 0.79 -26.89 11.37
CA GLY A 181 1.67 -26.78 10.27
C GLY A 181 3.12 -26.88 10.60
N ASN A 182 3.87 -27.40 9.61
CA ASN A 182 5.26 -27.77 9.71
C ASN A 182 6.05 -27.31 8.54
N ILE A 183 7.12 -26.56 8.79
CA ILE A 183 7.99 -26.18 7.67
C ILE A 183 9.39 -26.84 7.76
N LYS A 184 9.76 -27.56 6.70
CA LYS A 184 10.95 -28.42 6.76
C LYS A 184 12.01 -27.86 5.81
N LEU A 185 13.11 -27.41 6.43
CA LEU A 185 14.22 -26.87 5.69
C LEU A 185 15.36 -27.85 5.74
N SER A 186 15.62 -28.49 4.59
CA SER A 186 16.77 -29.40 4.50
C SER A 186 17.99 -28.53 4.26
N GLN A 187 19.12 -28.98 4.83
CA GLN A 187 20.42 -28.34 4.60
C GLN A 187 20.85 -28.53 3.15
N THR A 188 21.50 -27.51 2.60
CA THR A 188 21.87 -27.51 1.19
C THR A 188 23.34 -27.70 0.79
N SER A 189 23.53 -28.58 -0.18
CA SER A 189 24.85 -28.89 -0.73
C SER A 189 25.48 -27.69 -1.46
N ASN A 190 24.69 -26.95 -2.21
CA ASN A 190 25.22 -25.77 -2.90
C ASN A 190 26.40 -26.11 -3.84
N VAL A 191 27.58 -25.44 -3.85
CA VAL A 191 27.99 -24.29 -3.07
C VAL A 191 27.21 -23.00 -3.33
N ASP A 192 26.93 -22.72 -4.60
CA ASP A 192 26.20 -21.51 -4.95
C ASP A 192 24.75 -21.60 -4.57
N LYS A 193 24.19 -20.53 -4.00
CA LYS A 193 24.90 -19.30 -3.69
C LYS A 193 24.95 -19.21 -2.19
N GLU A 194 25.90 -18.45 -1.66
CA GLU A 194 25.99 -18.33 -0.21
C GLU A 194 24.70 -17.75 0.35
N GLU A 195 24.12 -16.77 -0.34
CA GLU A 195 22.90 -16.14 0.15
C GLU A 195 21.81 -17.18 0.26
N GLU A 196 21.69 -17.99 -0.78
CA GLU A 196 20.75 -19.12 -0.87
C GLU A 196 20.99 -20.24 0.17
N ALA A 197 22.24 -20.40 0.59
CA ALA A 197 22.70 -21.49 1.48
C ALA A 197 21.87 -21.76 2.71
N VAL A 198 21.85 -23.01 3.13
CA VAL A 198 21.58 -23.34 4.54
C VAL A 198 22.63 -24.35 5.06
N THR A 199 22.97 -24.17 6.34
CA THR A 199 24.04 -24.87 6.99
C THR A 199 23.70 -24.90 8.51
N ILE A 200 23.92 -26.07 9.13
CA ILE A 200 23.64 -26.35 10.54
C ILE A 200 24.87 -27.01 11.24
N GLU A 201 25.06 -26.64 12.51
CA GLU A 201 26.16 -27.12 13.32
C GLU A 201 25.56 -27.81 14.54
N MET A 202 25.46 -29.12 14.47
CA MET A 202 24.88 -29.87 15.54
C MET A 202 25.97 -30.51 16.40
N ASN A 203 26.09 -29.97 17.62
CA ASN A 203 26.71 -30.69 18.75
C ASN A 203 25.82 -31.78 19.35
N GLU A 204 24.59 -31.40 19.68
CA GLU A 204 23.53 -32.28 20.18
C GLU A 204 22.29 -31.75 19.43
N PRO A 205 21.25 -32.59 19.26
CA PRO A 205 20.06 -32.04 18.60
C PRO A 205 19.25 -31.13 19.53
N VAL A 206 18.53 -30.14 18.97
CA VAL A 206 17.59 -29.36 19.80
C VAL A 206 16.15 -29.51 19.38
N GLN A 207 15.25 -29.47 20.34
CA GLN A 207 13.87 -29.20 20.12
C GLN A 207 13.43 -28.16 21.15
N LEU A 208 13.23 -26.93 20.64
CA LEU A 208 12.76 -25.77 21.41
C LEU A 208 11.61 -24.93 20.84
N THR A 209 10.85 -24.35 21.78
CA THR A 209 9.60 -23.60 21.57
C THR A 209 9.77 -22.12 21.97
N PHE A 210 9.35 -21.17 21.12
CA PHE A 210 9.40 -19.71 21.44
C PHE A 210 8.19 -18.92 20.91
N ALA A 211 7.89 -17.77 21.55
CA ALA A 211 6.83 -16.82 21.03
C ALA A 211 7.10 -16.31 19.60
N LEU A 212 6.08 -16.34 18.77
CA LEU A 212 6.25 -15.74 17.46
C LEU A 212 5.91 -14.25 17.50
N ARG A 213 5.35 -13.80 18.62
CA ARG A 213 5.19 -12.38 18.76
C ARG A 213 6.55 -11.72 18.53
N TYR A 214 7.56 -12.16 19.30
CA TYR A 214 8.96 -11.60 19.35
C TYR A 214 9.89 -11.93 18.15
N LEU A 215 9.92 -13.17 17.71
CA LEU A 215 10.56 -13.52 16.45
C LEU A 215 10.17 -12.55 15.32
N ASN A 216 8.87 -12.28 15.16
CA ASN A 216 8.35 -11.28 14.16
C ASN A 216 8.85 -9.83 14.33
N PHE A 217 8.98 -9.43 15.59
CA PHE A 217 9.65 -8.22 15.97
C PHE A 217 11.15 -8.24 15.55
N PHE A 218 11.83 -9.36 15.81
CA PHE A 218 13.25 -9.46 15.49
C PHE A 218 13.46 -9.41 13.96
N THR A 219 12.58 -10.02 13.18
CA THR A 219 12.83 -10.11 11.73
C THR A 219 12.63 -8.80 11.08
N LYS A 220 12.31 -7.76 11.88
CA LYS A 220 12.33 -6.42 11.35
C LYS A 220 13.78 -5.95 11.06
N ALA A 221 14.75 -6.63 11.64
CA ALA A 221 16.18 -6.47 11.25
C ALA A 221 16.55 -7.05 9.84
N THR A 222 15.59 -7.67 9.19
CA THR A 222 15.83 -8.34 7.95
C THR A 222 16.54 -7.53 6.87
N PRO A 223 16.20 -6.25 6.72
CA PRO A 223 17.02 -5.66 5.62
C PRO A 223 18.55 -5.35 5.95
N LEU A 224 18.99 -5.66 7.17
CA LEU A 224 20.36 -5.41 7.56
C LEU A 224 21.33 -6.41 6.97
N SER A 225 20.83 -7.61 6.62
CA SER A 225 21.67 -8.68 6.05
C SER A 225 20.89 -9.71 5.32
N SER A 226 21.43 -10.15 4.18
CA SER A 226 20.78 -11.13 3.37
C SER A 226 20.76 -12.49 4.04
N THR A 227 21.53 -12.69 5.11
CA THR A 227 21.42 -13.95 5.89
C THR A 227 21.38 -13.64 7.38
N VAL A 228 21.04 -14.66 8.18
CA VAL A 228 20.70 -14.51 9.61
C VAL A 228 21.20 -15.76 10.32
N THR A 229 21.28 -15.73 11.67
CA THR A 229 21.97 -16.76 12.41
C THR A 229 21.37 -17.11 13.79
N LEU A 230 20.78 -18.32 13.82
CA LEU A 230 20.11 -18.84 15.03
C LEU A 230 21.05 -19.70 15.85
N SER A 231 21.12 -19.39 17.16
CA SER A 231 21.98 -20.07 18.11
C SER A 231 21.19 -20.50 19.33
N MET A 232 21.03 -21.80 19.49
CA MET A 232 20.26 -22.32 20.61
C MET A 232 20.94 -23.47 21.28
N SER A 233 20.57 -23.60 22.56
CA SER A 233 20.89 -24.76 23.35
C SER A 233 19.72 -24.88 24.29
N ALA A 234 19.46 -26.08 24.81
CA ALA A 234 18.28 -26.30 25.66
C ALA A 234 18.25 -25.48 26.92
N ASP A 235 17.15 -24.81 27.16
CA ASP A 235 16.95 -24.05 28.38
C ASP A 235 17.85 -22.84 28.42
N VAL A 236 18.47 -22.54 27.29
CA VAL A 236 19.27 -21.35 27.16
C VAL A 236 18.67 -20.39 26.09
N PRO A 237 18.42 -19.11 26.48
CA PRO A 237 18.07 -18.03 25.58
C PRO A 237 18.68 -17.87 24.15
N LEU A 238 17.77 -17.88 23.17
CA LEU A 238 18.13 -17.93 21.78
C LEU A 238 18.81 -16.69 21.32
N VAL A 239 19.68 -16.82 20.33
CA VAL A 239 20.31 -15.63 19.77
C VAL A 239 20.03 -15.62 18.26
N VAL A 240 19.28 -14.57 17.85
CA VAL A 240 19.02 -14.29 16.47
C VAL A 240 19.98 -13.16 16.12
N GLU A 241 20.72 -13.34 15.04
CA GLU A 241 21.85 -12.49 14.72
C GLU A 241 21.89 -12.12 13.25
N TYR A 242 21.98 -10.82 13.03
CA TYR A 242 22.02 -10.20 11.74
C TYR A 242 23.37 -9.52 11.66
N LYS A 243 24.15 -9.77 10.64
CA LYS A 243 25.48 -9.13 10.64
C LYS A 243 25.46 -7.89 9.80
N ILE A 244 25.71 -6.75 10.41
CA ILE A 244 25.80 -5.53 9.61
C ILE A 244 27.15 -5.66 9.01
N ALA A 245 27.26 -5.72 7.71
CA ALA A 245 28.56 -6.00 7.14
C ALA A 245 29.72 -5.13 7.49
N ASP A 246 30.81 -5.79 7.80
CA ASP A 246 32.11 -5.20 8.09
C ASP A 246 32.09 -4.22 9.24
N MET A 247 31.16 -4.39 10.17
CA MET A 247 31.14 -3.48 11.29
C MET A 247 30.88 -4.18 12.57
N GLY A 248 29.64 -4.61 12.70
CA GLY A 248 29.19 -5.26 13.89
C GLY A 248 28.07 -6.21 13.59
N HIS A 249 27.16 -6.25 14.53
CA HIS A 249 26.03 -7.12 14.49
C HIS A 249 24.91 -6.61 15.36
N LEU A 250 23.71 -7.12 15.09
CA LEU A 250 22.57 -6.86 15.90
C LEU A 250 22.07 -8.23 16.28
N LYS A 251 22.00 -8.47 17.57
CA LYS A 251 21.71 -9.75 18.11
C LYS A 251 20.47 -9.53 18.97
N TYR A 252 19.52 -10.42 18.82
CA TYR A 252 18.42 -10.43 19.72
C TYR A 252 18.48 -11.76 20.50
N TYR A 253 18.21 -11.64 21.80
CA TYR A 253 18.20 -12.75 22.72
C TYR A 253 16.76 -13.03 23.31
N LEU A 254 16.28 -14.27 23.25
CA LEU A 254 14.86 -14.62 23.59
C LEU A 254 14.69 -15.93 24.39
N ALA A 255 13.92 -15.78 25.48
CA ALA A 255 13.58 -16.94 26.32
C ALA A 255 12.62 -18.04 25.69
N PRO A 256 13.10 -19.31 25.54
CA PRO A 256 12.22 -20.43 25.21
C PRO A 256 11.26 -20.91 26.36
N LYS A 257 10.45 -21.93 26.07
CA LYS A 257 9.49 -22.45 27.01
C LYS A 257 10.22 -23.31 28.06
N ILE A 258 9.80 -23.15 29.33
CA ILE A 258 10.21 -23.97 30.54
C ILE A 258 11.58 -24.61 30.48
N MET B 4 -23.99 27.16 -24.29
CA MET B 4 -23.27 25.88 -24.39
C MET B 4 -21.74 26.12 -24.43
N PHE B 5 -21.03 25.09 -23.99
CA PHE B 5 -19.58 25.04 -23.82
C PHE B 5 -19.07 23.65 -24.19
N GLU B 6 -17.93 23.53 -24.88
CA GLU B 6 -17.33 22.19 -25.07
C GLU B 6 -15.82 22.24 -25.16
N ALA B 7 -15.17 21.55 -24.20
CA ALA B 7 -13.72 21.45 -24.12
C ALA B 7 -13.13 20.02 -24.14
N ARG B 8 -12.39 19.71 -25.18
CA ARG B 8 -11.79 18.39 -25.36
C ARG B 8 -10.36 18.47 -24.96
N LEU B 9 -9.88 17.54 -24.16
CA LEU B 9 -8.50 17.61 -23.65
C LEU B 9 -7.74 16.26 -23.82
N VAL B 10 -6.69 16.21 -24.63
CA VAL B 10 -6.10 14.89 -24.96
C VAL B 10 -5.49 14.23 -23.75
N GLN B 11 -4.77 15.00 -22.91
CA GLN B 11 -4.15 14.53 -21.64
C GLN B 11 -5.08 14.75 -20.44
N GLY B 12 -6.07 13.89 -20.37
CA GLY B 12 -7.14 14.02 -19.40
C GLY B 12 -6.60 13.95 -18.00
N SER B 13 -5.52 13.15 -17.89
CA SER B 13 -4.76 13.03 -16.65
C SER B 13 -4.78 14.38 -15.92
N ILE B 14 -4.63 15.44 -16.72
CA ILE B 14 -4.46 16.74 -16.14
C ILE B 14 -5.62 17.19 -15.27
N LEU B 15 -6.82 16.91 -15.68
CA LEU B 15 -7.96 17.24 -14.82
C LEU B 15 -7.95 16.48 -13.46
N LYS B 16 -7.60 15.21 -13.54
CA LYS B 16 -7.59 14.36 -12.37
C LYS B 16 -6.59 14.82 -11.37
N LYS B 17 -5.42 15.16 -11.86
CA LYS B 17 -4.36 15.59 -10.98
C LYS B 17 -4.78 16.82 -10.28
N VAL B 18 -5.47 17.67 -11.02
CA VAL B 18 -5.89 18.91 -10.45
C VAL B 18 -6.83 18.74 -9.29
N LEU B 19 -7.82 17.89 -9.46
CA LEU B 19 -8.79 17.70 -8.41
C LEU B 19 -8.25 17.12 -7.16
N GLU B 20 -7.40 16.13 -7.29
CA GLU B 20 -6.86 15.52 -6.11
C GLU B 20 -6.11 16.56 -5.37
N ALA B 21 -5.47 17.44 -6.10
CA ALA B 21 -4.77 18.49 -5.44
C ALA B 21 -5.75 19.32 -4.68
N LEU B 22 -6.83 19.70 -5.36
CA LEU B 22 -7.88 20.54 -4.81
C LEU B 22 -8.86 20.09 -3.75
N LYS B 23 -9.33 18.86 -3.83
CA LYS B 23 -10.38 18.42 -2.93
C LYS B 23 -10.04 18.57 -1.47
N ASP B 24 -8.79 18.35 -1.14
CA ASP B 24 -8.39 18.47 0.24
C ASP B 24 -8.64 19.88 0.73
N LEU B 25 -8.30 20.87 -0.07
CA LEU B 25 -8.48 22.25 0.36
C LEU B 25 -9.87 22.77 0.51
N ILE B 26 -10.74 22.47 -0.43
CA ILE B 26 -12.10 22.96 -0.31
C ILE B 26 -13.10 22.08 -0.98
N ASN B 27 -14.19 21.80 -0.28
CA ASN B 27 -15.23 21.00 -0.89
C ASN B 27 -16.07 21.65 -1.97
N GLU B 28 -16.47 22.92 -1.81
CA GLU B 28 -17.33 23.51 -2.88
C GLU B 28 -16.66 24.63 -3.65
N ALA B 29 -16.46 24.51 -4.95
CA ALA B 29 -15.89 25.64 -5.75
C ALA B 29 -16.65 25.93 -7.05
N CYS B 30 -16.62 27.22 -7.44
CA CYS B 30 -17.36 27.80 -8.57
C CYS B 30 -16.42 27.95 -9.78
N TRP B 31 -16.72 27.30 -10.90
CA TRP B 31 -15.80 27.26 -12.04
C TRP B 31 -16.19 28.24 -13.15
N ASP B 32 -15.32 29.21 -13.38
CA ASP B 32 -15.53 30.25 -14.37
C ASP B 32 -15.05 29.88 -15.78
N ILE B 33 -16.05 29.53 -16.60
CA ILE B 33 -15.85 29.23 -18.03
C ILE B 33 -16.14 30.46 -18.94
N SER B 34 -15.09 30.96 -19.60
CA SER B 34 -15.10 32.05 -20.57
C SER B 34 -14.18 31.70 -21.73
N SER B 35 -14.27 32.39 -22.86
CA SER B 35 -13.69 31.81 -24.13
C SER B 35 -12.18 31.77 -24.11
N SER B 36 -11.60 32.55 -23.20
CA SER B 36 -10.17 32.48 -22.88
C SER B 36 -9.77 31.20 -22.11
N GLY B 37 -10.64 30.68 -21.24
CA GLY B 37 -10.44 29.32 -20.71
C GLY B 37 -11.26 28.87 -19.50
N VAL B 38 -10.64 28.00 -18.72
CA VAL B 38 -11.19 27.59 -17.44
C VAL B 38 -10.41 28.27 -16.33
N ASN B 39 -11.16 28.70 -15.32
CA ASN B 39 -10.61 29.48 -14.25
C ASN B 39 -11.23 29.08 -12.91
N LEU B 40 -10.42 28.77 -11.89
CA LEU B 40 -10.92 28.63 -10.53
C LEU B 40 -10.22 29.57 -9.56
N GLN B 41 -11.00 30.24 -8.75
CA GLN B 41 -10.43 30.98 -7.61
C GLN B 41 -11.29 30.88 -6.32
N SER B 42 -10.65 30.46 -5.24
CA SER B 42 -11.33 30.12 -4.01
C SER B 42 -10.34 30.09 -2.84
N MET B 43 -10.85 30.53 -1.71
CA MET B 43 -10.16 30.40 -0.44
C MET B 43 -10.33 28.99 0.05
N ASP B 44 -9.54 28.58 1.04
CA ASP B 44 -9.72 27.22 1.58
C ASP B 44 -10.86 27.29 2.62
N SER B 45 -11.38 26.15 3.08
CA SER B 45 -12.58 26.08 3.93
C SER B 45 -12.35 26.69 5.26
N SER B 46 -11.07 26.74 5.66
CA SER B 46 -10.60 27.48 6.84
C SER B 46 -10.52 29.02 6.61
N HIS B 47 -10.60 29.46 5.36
CA HIS B 47 -10.42 30.87 5.01
C HIS B 47 -8.99 31.37 5.14
N VAL B 48 -8.04 30.51 4.82
CA VAL B 48 -6.62 30.79 5.06
C VAL B 48 -5.76 31.03 3.79
N SER B 49 -5.60 30.02 2.95
CA SER B 49 -4.88 30.13 1.70
C SER B 49 -5.82 30.37 0.59
N LEU B 50 -5.27 30.60 -0.57
CA LEU B 50 -6.08 31.05 -1.71
C LEU B 50 -5.50 30.34 -2.85
N VAL B 51 -6.37 29.74 -3.67
CA VAL B 51 -5.91 28.91 -4.76
C VAL B 51 -6.57 29.42 -6.01
N GLN B 52 -5.73 29.51 -7.07
CA GLN B 52 -6.05 30.05 -8.36
C GLN B 52 -5.60 29.08 -9.41
N LEU B 53 -6.56 28.60 -10.21
CA LEU B 53 -6.27 27.63 -11.25
C LEU B 53 -6.63 28.20 -12.62
N THR B 54 -5.72 28.12 -13.59
CA THR B 54 -5.93 28.67 -14.93
C THR B 54 -5.63 27.60 -15.95
N LEU B 55 -6.67 27.18 -16.69
CA LEU B 55 -6.42 26.28 -17.79
C LEU B 55 -6.74 26.96 -19.11
N ARG B 56 -5.73 27.60 -19.68
CA ARG B 56 -6.00 28.47 -20.84
C ARG B 56 -6.47 27.66 -22.10
N SER B 57 -7.48 28.20 -22.80
CA SER B 57 -8.15 27.54 -23.96
C SER B 57 -7.28 26.93 -25.04
N GLU B 58 -6.08 27.45 -25.27
CA GLU B 58 -5.22 26.89 -26.34
C GLU B 58 -4.54 25.58 -25.95
N GLY B 59 -4.75 25.17 -24.70
CA GLY B 59 -4.23 23.92 -24.20
C GLY B 59 -5.11 22.74 -24.55
N PHE B 60 -6.31 23.05 -25.01
CA PHE B 60 -7.29 22.06 -25.43
C PHE B 60 -7.32 21.89 -26.93
N ASP B 61 -7.54 20.66 -27.39
CA ASP B 61 -7.64 20.39 -28.82
C ASP B 61 -8.90 20.99 -29.38
N THR B 62 -9.83 21.31 -28.51
CA THR B 62 -11.06 21.86 -28.96
C THR B 62 -11.76 22.62 -27.88
N TYR B 63 -11.88 23.94 -28.01
CA TYR B 63 -12.57 24.71 -27.01
C TYR B 63 -13.62 25.54 -27.69
N ARG B 64 -14.85 25.43 -27.23
CA ARG B 64 -15.91 26.24 -27.78
C ARG B 64 -16.69 26.80 -26.64
N CYS B 65 -16.76 28.11 -26.56
CA CYS B 65 -17.57 28.72 -25.54
C CYS B 65 -18.35 29.88 -26.10
N ASP B 66 -19.67 29.82 -25.97
CA ASP B 66 -20.56 30.89 -26.44
C ASP B 66 -20.80 32.00 -25.46
N ARG B 67 -21.18 31.61 -24.26
CA ARG B 67 -21.59 32.56 -23.25
C ARG B 67 -20.66 32.27 -22.14
N ASN B 68 -20.47 33.23 -21.27
CA ASN B 68 -19.71 32.99 -20.08
C ASN B 68 -20.63 32.19 -19.15
N LEU B 69 -20.02 31.17 -18.50
CA LEU B 69 -20.71 30.31 -17.51
C LEU B 69 -19.97 30.19 -16.17
N ALA B 70 -20.77 30.04 -15.11
CA ALA B 70 -20.32 29.74 -13.76
C ALA B 70 -20.93 28.43 -13.16
N MET B 71 -20.28 27.30 -13.43
CA MET B 71 -20.71 26.05 -12.83
C MET B 71 -20.31 25.99 -11.32
N GLY B 72 -21.28 25.64 -10.49
CA GLY B 72 -21.02 25.33 -9.07
C GLY B 72 -20.73 23.85 -8.93
N VAL B 73 -19.50 23.52 -8.55
CA VAL B 73 -19.08 22.15 -8.43
C VAL B 73 -18.65 21.85 -6.99
N ASN B 74 -19.18 20.73 -6.47
CA ASN B 74 -18.63 20.01 -5.35
C ASN B 74 -17.45 19.17 -5.86
N LEU B 75 -16.27 19.50 -5.36
CA LEU B 75 -15.04 18.91 -5.88
C LEU B 75 -14.91 17.41 -5.57
N THR B 76 -15.48 16.93 -4.47
CA THR B 76 -15.30 15.54 -4.19
C THR B 76 -16.03 14.75 -5.27
N SER B 77 -17.24 15.16 -5.60
CA SER B 77 -18.01 14.37 -6.59
C SER B 77 -17.28 14.37 -7.93
N MET B 78 -16.73 15.53 -8.25
CA MET B 78 -16.13 15.65 -9.54
C MET B 78 -14.87 14.81 -9.50
N SER B 79 -14.27 14.68 -8.32
CA SER B 79 -13.08 13.84 -8.21
C SER B 79 -13.48 12.41 -8.43
N LYS B 80 -14.55 11.97 -7.76
CA LYS B 80 -15.05 10.60 -7.83
C LYS B 80 -15.36 10.21 -9.23
N ILE B 81 -16.05 11.09 -9.92
CA ILE B 81 -16.37 10.85 -11.29
C ILE B 81 -15.13 10.77 -12.14
N LEU B 82 -14.17 11.63 -11.84
CA LEU B 82 -12.93 11.70 -12.56
C LEU B 82 -12.08 10.44 -12.46
N LYS B 83 -12.06 9.83 -11.30
CA LYS B 83 -11.24 8.66 -11.09
C LYS B 83 -11.63 7.59 -12.06
N CYS B 84 -12.89 7.59 -12.43
CA CYS B 84 -13.38 6.61 -13.36
C CYS B 84 -12.61 6.70 -14.63
N ALA B 85 -12.19 7.90 -14.98
CA ALA B 85 -11.45 8.09 -16.20
C ALA B 85 -10.14 7.36 -16.22
N GLY B 86 -9.83 6.74 -17.34
CA GLY B 86 -8.59 6.03 -17.47
C GLY B 86 -7.50 7.04 -17.60
N ASN B 87 -6.26 6.62 -17.36
CA ASN B 87 -5.14 7.53 -17.46
C ASN B 87 -4.91 8.09 -18.86
N GLU B 88 -5.05 7.26 -19.88
CA GLU B 88 -4.81 7.70 -21.24
C GLU B 88 -6.05 8.28 -21.85
N ASP B 89 -7.16 8.15 -21.15
CA ASP B 89 -8.43 8.61 -21.64
C ASP B 89 -8.44 10.08 -21.95
N ILE B 90 -9.25 10.45 -22.93
CA ILE B 90 -9.39 11.82 -23.36
C ILE B 90 -10.67 12.30 -22.74
N ILE B 91 -10.59 13.38 -22.00
CA ILE B 91 -11.75 13.88 -21.32
C ILE B 91 -12.30 15.09 -21.99
N THR B 92 -13.60 15.09 -22.17
CA THR B 92 -14.27 16.18 -22.81
C THR B 92 -15.26 16.68 -21.84
N LEU B 93 -15.34 17.99 -21.68
CA LEU B 93 -16.31 18.56 -20.79
C LEU B 93 -17.34 19.25 -21.65
N ARG B 94 -18.61 19.06 -21.34
CA ARG B 94 -19.66 19.69 -22.13
C ARG B 94 -20.74 20.16 -21.18
N ALA B 95 -21.30 21.34 -21.43
CA ALA B 95 -22.37 21.84 -20.57
C ALA B 95 -23.37 22.74 -21.26
N GLU B 96 -24.60 22.73 -20.76
CA GLU B 96 -25.66 23.56 -21.30
C GLU B 96 -25.51 24.94 -20.74
N ASP B 97 -26.22 25.89 -21.31
CA ASP B 97 -26.14 27.24 -20.82
C ASP B 97 -27.36 27.54 -19.98
N ASN B 98 -27.15 28.07 -18.79
CA ASN B 98 -28.26 28.41 -17.91
C ASN B 98 -28.85 27.12 -17.35
N ALA B 99 -28.12 26.02 -17.54
CA ALA B 99 -28.57 24.70 -17.09
C ALA B 99 -27.65 24.06 -16.09
N ASP B 100 -28.27 23.46 -15.08
CA ASP B 100 -27.57 22.82 -13.98
C ASP B 100 -27.11 21.37 -14.17
N THR B 101 -26.11 21.16 -14.99
CA THR B 101 -25.57 19.83 -15.15
C THR B 101 -24.23 19.91 -15.83
N LEU B 102 -23.35 18.95 -15.59
CA LEU B 102 -22.08 18.96 -16.27
C LEU B 102 -21.86 17.58 -16.83
N ALA B 103 -21.36 17.53 -18.05
CA ALA B 103 -21.15 16.26 -18.71
C ALA B 103 -19.71 16.01 -19.01
N LEU B 104 -19.25 14.80 -18.74
CA LEU B 104 -17.88 14.40 -19.01
C LEU B 104 -17.83 13.13 -19.84
N VAL B 105 -17.00 13.13 -20.88
CA VAL B 105 -16.88 11.99 -21.75
C VAL B 105 -15.47 11.48 -21.71
N PHE B 106 -15.29 10.18 -21.57
CA PHE B 106 -13.94 9.64 -21.47
C PHE B 106 -13.67 8.66 -22.55
N GLU B 107 -12.71 8.95 -23.44
CA GLU B 107 -12.43 8.04 -24.58
C GLU B 107 -11.13 7.32 -24.40
N ALA B 108 -11.15 5.99 -24.47
CA ALA B 108 -9.93 5.20 -24.42
C ALA B 108 -8.92 5.52 -25.58
N PRO B 109 -7.64 5.17 -25.37
CA PRO B 109 -6.65 5.28 -26.45
C PRO B 109 -6.83 4.21 -27.52
N ASN B 110 -7.25 3.02 -27.12
CA ASN B 110 -7.47 1.97 -28.11
C ASN B 110 -8.60 2.35 -29.02
N GLN B 111 -9.52 3.18 -28.49
CA GLN B 111 -10.72 3.63 -29.20
C GLN B 111 -11.85 2.61 -29.08
N GLU B 112 -11.57 1.46 -28.45
CA GLU B 112 -12.58 0.48 -28.05
C GLU B 112 -13.75 0.95 -27.16
N LYS B 113 -13.53 1.77 -26.13
CA LYS B 113 -14.66 2.10 -25.21
C LYS B 113 -14.80 3.56 -24.83
N VAL B 114 -16.02 3.94 -24.46
CA VAL B 114 -16.37 5.33 -24.24
C VAL B 114 -17.34 5.47 -23.11
N SER B 115 -17.02 6.34 -22.16
CA SER B 115 -17.86 6.50 -20.96
C SER B 115 -18.49 7.91 -20.86
N ASP B 116 -19.74 8.05 -20.42
CA ASP B 116 -20.40 9.37 -20.30
C ASP B 116 -20.96 9.59 -18.94
N TYR B 117 -20.48 10.59 -18.20
CA TYR B 117 -21.06 10.86 -16.89
C TYR B 117 -21.69 12.25 -16.83
N GLU B 118 -22.81 12.32 -16.17
CA GLU B 118 -23.61 13.54 -16.08
C GLU B 118 -23.66 13.90 -14.60
N MET B 119 -22.86 14.87 -14.22
CA MET B 119 -22.70 15.20 -12.80
C MET B 119 -23.62 16.36 -12.61
N LYS B 120 -24.21 16.43 -11.43
CA LYS B 120 -25.07 17.59 -11.13
C LYS B 120 -24.17 18.76 -10.78
N LEU B 121 -24.64 19.98 -11.05
CA LEU B 121 -23.99 21.20 -10.55
C LEU B 121 -24.68 21.59 -9.28
N MET B 122 -24.31 22.72 -8.68
CA MET B 122 -24.93 23.15 -7.44
C MET B 122 -24.98 24.65 -7.26
N ASP B 123 -25.85 25.10 -6.37
CA ASP B 123 -26.00 26.52 -6.11
C ASP B 123 -24.90 27.01 -5.19
N LEU B 124 -24.13 27.97 -5.65
CA LEU B 124 -23.09 28.51 -4.80
C LEU B 124 -22.64 29.89 -5.25
N ASP B 125 -22.29 30.75 -4.31
CA ASP B 125 -21.80 32.05 -4.66
C ASP B 125 -20.50 32.12 -3.94
N VAL B 126 -19.42 32.51 -4.60
CA VAL B 126 -18.15 32.62 -3.91
C VAL B 126 -17.53 33.96 -4.08
N GLU B 127 -16.99 34.50 -3.00
CA GLU B 127 -16.35 35.82 -3.08
C GLU B 127 -15.03 35.70 -3.81
N GLN B 128 -14.73 36.65 -4.65
CA GLN B 128 -13.42 36.64 -5.27
C GLN B 128 -12.48 37.53 -4.46
N LEU B 129 -11.20 37.20 -4.44
CA LEU B 129 -10.28 38.22 -4.01
C LEU B 129 -9.53 38.74 -5.21
N GLY B 130 -9.15 40.00 -5.12
CA GLY B 130 -8.36 40.59 -6.17
C GLY B 130 -6.91 40.36 -5.88
N ILE B 131 -6.26 39.57 -6.71
CA ILE B 131 -4.85 39.29 -6.51
C ILE B 131 -4.10 40.50 -7.09
N PRO B 132 -3.35 41.29 -6.25
CA PRO B 132 -2.39 42.23 -6.80
C PRO B 132 -1.21 41.51 -7.43
N GLU B 133 -0.95 41.75 -8.72
CA GLU B 133 0.34 41.43 -9.33
C GLU B 133 1.31 42.51 -8.84
N GLN B 134 2.53 42.02 -8.49
CA GLN B 134 3.57 42.71 -7.70
C GLN B 134 4.98 42.04 -7.77
N GLU B 135 5.94 42.61 -7.03
CA GLU B 135 7.37 42.31 -7.24
C GLU B 135 7.98 41.67 -5.96
N TYR B 136 8.65 40.57 -6.23
CA TYR B 136 9.07 39.65 -5.21
C TYR B 136 10.59 39.77 -4.97
N SER B 137 10.94 40.01 -3.72
CA SER B 137 12.37 40.09 -3.38
C SER B 137 13.12 38.80 -3.78
N CYS B 138 12.54 37.65 -3.52
CA CYS B 138 13.19 36.40 -3.87
C CYS B 138 12.22 35.50 -4.67
N VAL B 139 12.74 34.70 -5.62
CA VAL B 139 11.89 33.75 -6.34
C VAL B 139 12.64 32.47 -6.60
N VAL B 140 12.13 31.40 -5.99
CA VAL B 140 12.86 30.18 -6.00
C VAL B 140 12.15 29.23 -6.92
N LYS B 141 12.99 28.66 -7.77
CA LYS B 141 12.54 27.74 -8.74
C LYS B 141 13.38 26.53 -8.30
N MET B 142 12.71 25.39 -8.15
CA MET B 142 13.32 24.15 -7.71
C MET B 142 12.47 22.96 -8.11
N PRO B 143 12.99 21.76 -7.93
CA PRO B 143 12.16 20.63 -8.17
C PRO B 143 10.96 20.53 -7.20
N SER B 144 9.79 20.32 -7.79
CA SER B 144 8.56 20.01 -7.06
C SER B 144 8.73 18.87 -6.05
N GLY B 145 9.27 17.74 -6.52
CA GLY B 145 9.51 16.56 -5.70
C GLY B 145 10.24 16.95 -4.42
N GLU B 146 11.45 17.49 -4.61
CA GLU B 146 12.26 17.97 -3.49
C GLU B 146 11.53 18.90 -2.48
N PHE B 147 10.71 19.82 -2.98
CA PHE B 147 9.88 20.67 -2.13
C PHE B 147 8.87 19.86 -1.31
N ALA B 148 8.26 18.86 -1.92
CA ALA B 148 7.31 18.06 -1.20
C ALA B 148 8.02 17.33 -0.10
N ARG B 149 9.17 16.79 -0.43
CA ARG B 149 9.89 16.03 0.58
C ARG B 149 10.34 16.87 1.74
N ILE B 150 10.83 18.06 1.47
CA ILE B 150 11.31 18.89 2.52
C ILE B 150 10.23 19.23 3.49
N CYS B 151 9.06 19.57 3.00
CA CYS B 151 7.96 19.88 3.87
C CYS B 151 7.50 18.69 4.64
N ARG B 152 7.49 17.58 3.96
CA ARG B 152 7.01 16.37 4.54
C ARG B 152 7.85 16.04 5.70
N ASP B 153 9.15 16.22 5.54
CA ASP B 153 10.08 15.86 6.60
C ASP B 153 10.05 16.92 7.71
N LEU B 154 10.07 18.22 7.39
CA LEU B 154 10.03 19.20 8.50
C LEU B 154 8.68 19.13 9.18
N SER B 155 7.65 18.80 8.44
CA SER B 155 6.41 18.34 9.07
C SER B 155 6.59 17.59 10.39
N HIS B 156 7.68 16.83 10.49
CA HIS B 156 7.87 15.92 11.58
C HIS B 156 8.59 16.60 12.72
N ILE B 157 9.28 17.66 12.38
CA ILE B 157 10.11 18.33 13.31
C ILE B 157 9.25 19.32 14.03
N GLY B 158 8.54 20.18 13.31
CA GLY B 158 7.83 21.30 13.92
C GLY B 158 6.66 21.81 13.07
N ASP B 159 5.89 22.77 13.64
CA ASP B 159 4.64 23.30 13.02
C ASP B 159 4.79 24.15 11.81
N ALA B 160 5.84 24.95 11.84
CA ALA B 160 6.16 25.90 10.84
C ALA B 160 7.61 25.73 10.31
N VAL B 161 7.75 26.02 9.03
CA VAL B 161 9.05 26.10 8.35
C VAL B 161 9.38 27.55 8.13
N VAL B 162 10.63 27.92 8.44
CA VAL B 162 11.26 29.19 8.04
C VAL B 162 12.04 28.94 6.72
N ILE B 163 11.68 29.65 5.64
CA ILE B 163 12.41 29.57 4.40
C ILE B 163 13.27 30.81 4.37
N SER B 164 14.61 30.65 4.30
CA SER B 164 15.59 31.77 4.30
C SER B 164 16.26 31.78 2.98
N CYS B 165 16.05 32.85 2.23
CA CYS B 165 16.50 32.96 0.84
C CYS B 165 17.69 33.81 0.81
N ALA B 166 18.70 33.33 0.12
CA ALA B 166 19.95 34.02 0.00
C ALA B 166 20.57 33.61 -1.31
N LYS B 167 21.49 34.42 -1.77
CA LYS B 167 22.05 34.33 -3.06
C LYS B 167 22.64 32.94 -3.30
N ASP B 168 23.37 32.33 -2.35
CA ASP B 168 24.07 31.10 -2.72
C ASP B 168 23.31 29.87 -2.29
N GLY B 169 21.99 30.03 -2.07
CA GLY B 169 21.05 28.91 -1.84
C GLY B 169 19.83 29.26 -0.98
N VAL B 170 18.96 28.28 -0.77
CA VAL B 170 17.83 28.47 0.14
C VAL B 170 17.95 27.46 1.28
N LYS B 171 17.46 27.87 2.45
CA LYS B 171 17.50 27.08 3.67
C LYS B 171 16.09 26.98 4.27
N PHE B 172 15.75 25.75 4.65
CA PHE B 172 14.44 25.41 5.22
C PHE B 172 14.69 24.94 6.65
N SER B 173 13.91 25.41 7.63
CA SER B 173 14.22 25.03 9.03
C SER B 173 13.03 24.97 9.93
N ALA B 174 13.10 24.06 10.95
CA ALA B 174 12.05 23.98 11.96
C ALA B 174 12.56 23.64 13.34
N SER B 175 11.71 23.84 14.36
CA SER B 175 12.00 23.53 15.77
C SER B 175 10.75 22.96 16.42
N GLY B 176 10.90 21.88 17.17
CA GLY B 176 9.80 21.28 17.93
C GLY B 176 10.34 20.31 18.96
N GLU B 177 9.46 19.49 19.54
CA GLU B 177 9.82 18.74 20.75
C GLU B 177 11.03 17.89 20.47
N LEU B 178 11.09 17.25 19.32
CA LEU B 178 12.24 16.40 18.97
C LEU B 178 13.56 17.11 18.93
N GLY B 179 13.53 18.35 18.39
CA GLY B 179 14.75 19.13 18.07
C GLY B 179 14.67 20.12 16.92
N ASN B 180 15.75 20.24 16.16
CA ASN B 180 15.90 21.24 15.10
C ASN B 180 16.10 20.53 13.77
N GLY B 181 16.20 21.32 12.70
CA GLY B 181 16.62 20.81 11.43
C GLY B 181 16.78 21.98 10.47
N ASN B 182 17.85 21.98 9.72
CA ASN B 182 18.10 22.95 8.70
C ASN B 182 18.47 22.13 7.44
N ILE B 183 17.73 22.34 6.39
CA ILE B 183 18.01 21.71 5.16
C ILE B 183 18.58 22.82 4.28
N LYS B 184 19.73 22.59 3.67
CA LYS B 184 20.45 23.61 2.91
C LYS B 184 20.56 23.18 1.46
N LEU B 185 19.82 23.85 0.58
CA LEU B 185 19.93 23.58 -0.86
C LEU B 185 20.76 24.66 -1.55
N SER B 186 21.90 24.25 -2.14
CA SER B 186 22.82 25.20 -2.80
C SER B 186 22.22 25.61 -4.10
N GLN B 187 22.36 26.88 -4.45
CA GLN B 187 22.06 27.34 -5.81
C GLN B 187 23.00 26.63 -6.71
N THR B 188 22.45 25.91 -7.69
CA THR B 188 23.28 25.46 -8.81
C THR B 188 22.58 25.66 -10.11
N SER B 189 23.15 26.51 -10.97
CA SER B 189 22.65 26.68 -12.35
C SER B 189 23.29 25.64 -13.28
N ASN B 190 24.33 24.93 -12.81
CA ASN B 190 25.05 24.06 -13.69
C ASN B 190 24.19 23.06 -14.55
N VAL B 191 23.24 22.34 -13.93
CA VAL B 191 22.76 21.03 -14.49
C VAL B 191 22.07 21.10 -15.85
N ASP B 192 22.13 19.96 -16.53
CA ASP B 192 21.73 19.73 -17.92
C ASP B 192 20.25 19.55 -18.30
N LYS B 193 19.37 19.18 -17.36
CA LYS B 193 17.95 19.03 -17.73
C LYS B 193 17.04 20.20 -17.26
N GLU B 194 17.48 20.97 -16.27
CA GLU B 194 16.84 22.29 -15.93
C GLU B 194 15.51 22.21 -15.16
N GLU B 195 15.12 21.00 -14.83
CA GLU B 195 14.03 20.73 -13.90
C GLU B 195 14.72 20.32 -12.61
N GLU B 196 15.96 19.84 -12.78
CA GLU B 196 16.92 19.46 -11.72
C GLU B 196 17.44 20.65 -10.90
N ALA B 197 17.29 21.86 -11.42
CA ALA B 197 17.99 23.03 -10.92
C ALA B 197 17.39 23.61 -9.67
N VAL B 198 18.25 24.31 -8.94
CA VAL B 198 17.79 25.30 -7.97
C VAL B 198 18.21 26.68 -8.50
N THR B 199 17.39 27.68 -8.31
CA THR B 199 17.51 28.94 -9.00
C THR B 199 16.85 30.00 -8.16
N ILE B 200 17.51 31.12 -8.00
CA ILE B 200 17.05 32.10 -7.06
C ILE B 200 17.21 33.43 -7.79
N GLU B 201 16.14 33.91 -8.44
CA GLU B 201 16.12 35.27 -8.97
C GLU B 201 15.77 36.17 -7.76
N MET B 202 16.81 36.70 -7.18
CA MET B 202 16.74 37.46 -5.99
C MET B 202 17.04 38.95 -6.31
N ASN B 203 16.26 39.84 -5.70
CA ASN B 203 16.58 41.25 -5.61
C ASN B 203 16.99 41.68 -4.21
N GLU B 204 16.82 40.83 -3.18
CA GLU B 204 17.09 41.10 -1.72
C GLU B 204 17.04 39.78 -0.92
N PRO B 205 17.68 39.68 0.25
CA PRO B 205 17.46 38.45 0.97
C PRO B 205 16.22 38.55 1.85
N VAL B 206 15.63 37.42 2.16
CA VAL B 206 14.29 37.33 2.69
C VAL B 206 14.39 36.13 3.55
N GLN B 207 13.67 36.16 4.65
CA GLN B 207 13.63 35.07 5.58
C GLN B 207 12.24 35.06 6.10
N LEU B 208 11.50 33.98 5.78
CA LEU B 208 10.07 33.92 6.10
C LEU B 208 9.62 32.64 6.75
N THR B 209 8.67 32.77 7.67
CA THR B 209 8.16 31.67 8.48
C THR B 209 6.72 31.29 8.00
N PHE B 210 6.54 30.07 7.54
CA PHE B 210 5.26 29.61 6.98
C PHE B 210 4.68 28.45 7.69
N ALA B 211 3.33 28.39 7.75
CA ALA B 211 2.66 27.18 8.31
C ALA B 211 2.82 25.92 7.43
N LEU B 212 3.42 24.88 8.01
CA LEU B 212 3.63 23.60 7.29
C LEU B 212 2.38 22.75 7.14
N ARG B 213 1.31 23.14 7.85
CA ARG B 213 0.02 22.50 7.64
C ARG B 213 -0.38 22.77 6.21
N TYR B 214 -0.23 24.02 5.79
CA TYR B 214 -0.67 24.44 4.47
C TYR B 214 0.25 24.19 3.26
N LEU B 215 1.55 24.31 3.45
CA LEU B 215 2.45 23.93 2.41
C LEU B 215 2.21 22.45 2.07
N ASN B 216 1.85 21.68 3.10
CA ASN B 216 1.61 20.27 2.84
C ASN B 216 0.36 19.93 2.06
N PHE B 217 -0.71 20.72 2.29
CA PHE B 217 -1.83 20.75 1.37
C PHE B 217 -1.43 21.17 -0.06
N PHE B 218 -0.55 22.17 -0.22
CA PHE B 218 -0.22 22.64 -1.61
C PHE B 218 0.57 21.63 -2.40
N THR B 219 1.50 20.99 -1.74
CA THR B 219 2.30 19.98 -2.45
C THR B 219 1.49 18.77 -2.92
N LYS B 220 0.17 18.90 -2.96
CA LYS B 220 -0.64 17.82 -3.48
C LYS B 220 -0.82 18.08 -5.02
N ALA B 221 -0.44 19.27 -5.47
CA ALA B 221 -0.44 19.55 -6.87
C ALA B 221 0.88 19.01 -7.53
N THR B 222 1.72 18.39 -6.70
CA THR B 222 3.07 18.04 -7.12
C THR B 222 3.11 17.19 -8.36
N PRO B 223 2.08 16.39 -8.60
CA PRO B 223 2.37 15.60 -9.77
C PRO B 223 1.84 16.24 -11.05
N LEU B 224 1.52 17.54 -11.01
CA LEU B 224 1.27 18.30 -12.26
C LEU B 224 2.53 18.66 -13.05
N SER B 225 3.64 18.93 -12.33
CA SER B 225 4.84 19.64 -12.84
C SER B 225 6.10 19.11 -12.18
N SER B 226 7.18 18.90 -12.89
CA SER B 226 8.34 18.44 -12.13
C SER B 226 9.05 19.61 -11.37
N THR B 227 8.55 20.84 -11.55
CA THR B 227 9.11 22.04 -10.91
C THR B 227 8.09 22.97 -10.23
N VAL B 228 8.58 23.71 -9.26
CA VAL B 228 7.73 24.59 -8.47
C VAL B 228 8.45 25.91 -8.17
N THR B 229 7.68 26.92 -7.82
CA THR B 229 8.22 28.18 -7.67
C THR B 229 7.60 28.81 -6.50
N LEU B 230 8.45 29.33 -5.65
CA LEU B 230 8.04 30.02 -4.47
C LEU B 230 8.44 31.45 -4.73
N SER B 231 7.46 32.36 -4.78
CA SER B 231 7.75 33.81 -4.76
C SER B 231 7.53 34.45 -3.40
N MET B 232 8.55 35.14 -2.87
CA MET B 232 8.51 35.68 -1.47
C MET B 232 8.76 37.17 -1.25
N SER B 233 8.11 37.70 -0.21
CA SER B 233 8.38 39.06 0.17
C SER B 233 7.94 39.21 1.55
N ALA B 234 8.63 40.06 2.31
CA ALA B 234 8.34 40.28 3.73
C ALA B 234 6.91 40.85 4.05
N ASP B 235 6.13 40.24 4.95
CA ASP B 235 4.69 40.62 5.16
C ASP B 235 3.76 40.53 3.89
N VAL B 236 4.02 39.54 3.04
CA VAL B 236 3.33 39.41 1.77
C VAL B 236 3.14 37.91 1.38
N PRO B 237 1.91 37.62 0.99
CA PRO B 237 1.53 36.27 0.70
C PRO B 237 2.48 35.62 -0.26
N LEU B 238 3.09 34.54 0.20
CA LEU B 238 3.82 33.61 -0.66
C LEU B 238 2.98 33.11 -1.82
N VAL B 239 3.62 32.84 -2.97
CA VAL B 239 2.96 32.27 -4.13
C VAL B 239 3.73 31.01 -4.57
N VAL B 240 3.07 29.87 -4.36
CA VAL B 240 3.58 28.59 -4.67
C VAL B 240 2.93 28.36 -5.95
N GLU B 241 3.70 28.02 -6.99
CA GLU B 241 3.14 27.92 -8.35
C GLU B 241 3.64 26.73 -9.14
N TYR B 242 2.70 26.01 -9.73
CA TYR B 242 2.98 24.78 -10.41
C TYR B 242 2.52 24.97 -11.84
N LYS B 243 3.45 24.90 -12.76
CA LYS B 243 3.11 25.20 -14.14
C LYS B 243 2.46 24.01 -14.80
N ILE B 244 1.31 24.23 -15.41
CA ILE B 244 0.61 23.16 -16.06
C ILE B 244 0.95 22.89 -17.52
N ALA B 245 2.21 22.59 -17.77
CA ALA B 245 2.62 22.20 -19.11
C ALA B 245 2.25 23.10 -20.28
N ASP B 246 2.28 24.41 -20.07
CA ASP B 246 2.00 25.43 -21.10
C ASP B 246 0.54 25.66 -21.43
N MET B 247 -0.29 25.15 -20.55
CA MET B 247 -1.72 25.27 -20.67
C MET B 247 -2.14 26.32 -19.68
N GLY B 248 -1.48 26.32 -18.53
CA GLY B 248 -1.83 27.24 -17.44
C GLY B 248 -1.09 26.95 -16.16
N HIS B 249 -1.56 27.54 -15.07
CA HIS B 249 -0.91 27.35 -13.77
C HIS B 249 -1.87 26.89 -12.69
N LEU B 250 -1.31 26.24 -11.68
CA LEU B 250 -1.95 26.18 -10.40
C LEU B 250 -1.09 27.03 -9.46
N LYS B 251 -1.71 28.01 -8.78
CA LYS B 251 -0.97 28.92 -7.91
C LYS B 251 -1.63 28.88 -6.57
N TYR B 252 -0.84 28.98 -5.51
CA TYR B 252 -1.29 28.87 -4.12
C TYR B 252 -0.77 30.05 -3.35
N TYR B 253 -1.59 30.67 -2.54
CA TYR B 253 -1.24 31.89 -1.83
C TYR B 253 -1.32 31.58 -0.36
N LEU B 254 -0.38 32.10 0.43
CA LEU B 254 -0.33 31.79 1.87
C LEU B 254 0.41 32.88 2.58
N ALA B 255 -0.20 33.40 3.64
CA ALA B 255 0.44 34.50 4.32
C ALA B 255 1.48 33.96 5.27
N PRO B 256 2.63 34.65 5.39
CA PRO B 256 3.63 34.26 6.36
C PRO B 256 3.45 34.98 7.71
N LYS B 257 4.21 34.54 8.71
CA LYS B 257 4.19 35.14 10.04
C LYS B 257 4.31 36.72 10.04
N ILE B 258 3.51 37.38 10.93
CA ILE B 258 3.40 38.85 11.15
C ILE B 258 3.12 39.62 9.89
N MET C 4 -7.68 -43.18 0.80
CA MET C 4 -7.04 -41.84 0.66
C MET C 4 -7.50 -41.13 -0.61
N PHE C 5 -7.46 -39.80 -0.54
CA PHE C 5 -7.64 -38.86 -1.66
C PHE C 5 -6.34 -38.04 -1.72
N GLU C 6 -5.65 -38.04 -2.86
CA GLU C 6 -4.35 -37.33 -3.02
C GLU C 6 -4.41 -36.60 -4.36
N ALA C 7 -4.18 -35.29 -4.32
CA ALA C 7 -4.41 -34.49 -5.53
C ALA C 7 -3.38 -33.40 -5.57
N ARG C 8 -2.63 -33.39 -6.68
CA ARG C 8 -1.32 -32.72 -6.76
C ARG C 8 -1.28 -31.91 -8.02
N LEU C 9 -1.41 -30.60 -7.80
CA LEU C 9 -1.63 -29.56 -8.83
C LEU C 9 -0.36 -28.71 -8.96
N VAL C 10 0.23 -28.68 -10.17
CA VAL C 10 1.49 -27.95 -10.37
C VAL C 10 1.26 -26.48 -10.07
N GLN C 11 0.18 -25.96 -10.62
CA GLN C 11 -0.07 -24.55 -10.52
C GLN C 11 -0.83 -24.18 -9.24
N GLY C 12 -0.20 -24.39 -8.09
CA GLY C 12 -0.76 -23.96 -6.79
C GLY C 12 -1.59 -22.68 -6.81
N SER C 13 -1.08 -21.65 -7.49
CA SER C 13 -1.72 -20.36 -7.56
C SER C 13 -3.21 -20.51 -7.84
N ILE C 14 -3.60 -21.37 -8.77
CA ILE C 14 -5.03 -21.62 -9.01
C ILE C 14 -5.77 -21.74 -7.67
N LEU C 15 -5.25 -22.62 -6.80
CA LEU C 15 -5.95 -22.93 -5.61
C LEU C 15 -6.06 -21.69 -4.79
N LYS C 16 -4.95 -20.95 -4.64
CA LYS C 16 -4.95 -19.65 -3.88
C LYS C 16 -6.02 -18.65 -4.38
N LYS C 17 -5.99 -18.51 -5.69
CA LYS C 17 -6.84 -17.58 -6.42
C LYS C 17 -8.31 -17.90 -6.18
N VAL C 18 -8.61 -19.18 -6.25
CA VAL C 18 -9.93 -19.72 -6.03
C VAL C 18 -10.39 -19.36 -4.63
N LEU C 19 -9.54 -19.51 -3.61
CA LEU C 19 -10.01 -19.24 -2.26
C LEU C 19 -10.10 -17.76 -1.97
N GLU C 20 -9.30 -16.98 -2.70
CA GLU C 20 -9.44 -15.53 -2.59
C GLU C 20 -10.83 -15.15 -3.04
N ALA C 21 -11.30 -15.84 -4.06
CA ALA C 21 -12.57 -15.54 -4.67
C ALA C 21 -13.77 -15.77 -3.81
N LEU C 22 -13.78 -16.90 -3.14
CA LEU C 22 -14.94 -17.30 -2.38
C LEU C 22 -14.89 -16.91 -0.95
N LYS C 23 -13.73 -16.64 -0.41
CA LYS C 23 -13.62 -16.44 1.02
C LYS C 23 -14.46 -15.34 1.59
N ASP C 24 -14.61 -14.25 0.89
CA ASP C 24 -15.39 -13.16 1.39
C ASP C 24 -16.84 -13.30 0.99
N LEU C 25 -17.14 -14.43 0.39
CA LEU C 25 -18.48 -14.72 -0.04
C LEU C 25 -19.12 -15.85 0.75
N ILE C 26 -18.36 -16.91 1.01
CA ILE C 26 -18.89 -18.05 1.75
C ILE C 26 -18.10 -18.44 2.97
N ASN C 27 -18.73 -18.45 4.14
CA ASN C 27 -18.02 -18.86 5.32
C ASN C 27 -17.64 -20.32 5.41
N GLU C 28 -18.56 -21.22 5.08
CA GLU C 28 -18.27 -22.64 5.13
C GLU C 28 -18.78 -23.30 3.89
N ALA C 29 -18.01 -24.22 3.32
CA ALA C 29 -18.45 -24.87 2.12
C ALA C 29 -18.13 -26.32 2.09
N CYS C 30 -18.88 -27.05 1.30
CA CYS C 30 -18.72 -28.47 1.17
C CYS C 30 -17.95 -28.72 -0.09
N TRP C 31 -16.81 -29.38 0.02
CA TRP C 31 -15.97 -29.70 -1.15
C TRP C 31 -16.22 -31.12 -1.65
N ASP C 32 -17.08 -31.26 -2.64
CA ASP C 32 -17.48 -32.59 -3.14
C ASP C 32 -16.41 -33.22 -4.05
N ILE C 33 -15.56 -34.05 -3.43
CA ILE C 33 -14.56 -34.81 -4.20
C ILE C 33 -15.08 -36.17 -4.62
N SER C 34 -14.83 -36.45 -5.90
CA SER C 34 -15.11 -37.70 -6.58
C SER C 34 -14.03 -37.95 -7.63
N SER C 35 -14.16 -39.01 -8.43
CA SER C 35 -13.02 -39.42 -9.25
C SER C 35 -12.90 -38.62 -10.51
N SER C 36 -14.02 -38.08 -10.93
CA SER C 36 -14.01 -37.14 -12.04
C SER C 36 -13.36 -35.80 -11.64
N GLY C 37 -13.33 -35.46 -10.34
CA GLY C 37 -12.72 -34.19 -9.85
C GLY C 37 -13.34 -33.59 -8.56
N VAL C 38 -13.18 -32.26 -8.42
CA VAL C 38 -13.58 -31.44 -7.25
C VAL C 38 -14.67 -30.44 -7.68
N ASN C 39 -15.86 -30.50 -7.06
CA ASN C 39 -16.94 -29.51 -7.24
C ASN C 39 -17.35 -28.89 -5.94
N LEU C 40 -17.65 -27.58 -5.99
CA LEU C 40 -18.22 -26.87 -4.83
C LEU C 40 -19.44 -26.20 -5.28
N GLN C 41 -20.51 -26.32 -4.49
CA GLN C 41 -21.65 -25.47 -4.71
C GLN C 41 -22.26 -25.01 -3.42
N SER C 42 -22.46 -23.70 -3.31
CA SER C 42 -22.93 -23.08 -2.10
C SER C 42 -23.57 -21.75 -2.41
N MET C 43 -24.57 -21.35 -1.63
CA MET C 43 -25.03 -19.98 -1.68
C MET C 43 -24.03 -19.20 -0.87
N ASP C 44 -24.05 -17.90 -1.04
CA ASP C 44 -23.30 -17.03 -0.15
C ASP C 44 -23.98 -16.90 1.22
N SER C 45 -23.30 -16.29 2.21
CA SER C 45 -23.87 -16.03 3.57
C SER C 45 -25.25 -15.50 3.46
N SER C 46 -25.48 -14.44 2.69
CA SER C 46 -26.84 -13.83 2.77
C SER C 46 -27.95 -14.55 1.91
N HIS C 47 -27.60 -15.71 1.33
CA HIS C 47 -28.47 -16.56 0.52
C HIS C 47 -28.98 -15.88 -0.72
N VAL C 48 -28.12 -15.04 -1.33
CA VAL C 48 -28.46 -14.20 -2.51
C VAL C 48 -27.89 -14.70 -3.85
N SER C 49 -26.57 -14.87 -3.89
CA SER C 49 -25.86 -15.36 -5.04
C SER C 49 -25.54 -16.83 -4.84
N LEU C 50 -25.00 -17.48 -5.86
CA LEU C 50 -24.67 -18.86 -5.72
C LEU C 50 -23.42 -19.03 -6.45
N VAL C 51 -22.55 -19.91 -5.94
CA VAL C 51 -21.25 -20.16 -6.49
C VAL C 51 -21.07 -21.66 -6.85
N GLN C 52 -20.56 -21.97 -8.05
CA GLN C 52 -20.22 -23.35 -8.37
C GLN C 52 -18.86 -23.49 -9.01
N LEU C 53 -18.07 -24.35 -8.40
CA LEU C 53 -16.73 -24.64 -8.81
C LEU C 53 -16.64 -26.06 -9.41
N THR C 54 -15.84 -26.20 -10.47
CA THR C 54 -15.50 -27.46 -11.15
C THR C 54 -14.02 -27.45 -11.57
N LEU C 55 -13.21 -28.29 -10.92
CA LEU C 55 -11.83 -28.56 -11.34
C LEU C 55 -11.88 -30.01 -11.71
N ARG C 56 -11.80 -30.30 -13.02
CA ARG C 56 -11.82 -31.67 -13.55
C ARG C 56 -10.50 -32.39 -13.23
N SER C 57 -10.55 -33.69 -12.92
CA SER C 57 -9.36 -34.53 -12.54
C SER C 57 -8.30 -34.52 -13.61
N GLU C 58 -8.75 -34.64 -14.87
CA GLU C 58 -7.91 -34.45 -16.04
C GLU C 58 -6.82 -33.30 -15.75
N GLY C 59 -7.23 -32.25 -15.05
CA GLY C 59 -6.45 -31.05 -14.81
C GLY C 59 -5.43 -31.03 -13.71
N PHE C 60 -5.22 -32.14 -13.03
CA PHE C 60 -4.18 -32.22 -12.02
C PHE C 60 -3.09 -33.13 -12.52
N ASP C 61 -1.85 -32.89 -12.09
CA ASP C 61 -0.69 -33.80 -12.41
C ASP C 61 -0.84 -35.15 -11.75
N THR C 62 -1.70 -35.19 -10.74
CA THR C 62 -2.00 -36.38 -9.98
C THR C 62 -3.29 -36.24 -9.18
N TYR C 63 -4.16 -37.21 -9.40
CA TYR C 63 -5.47 -37.21 -8.84
C TYR C 63 -5.84 -38.63 -8.53
N ARG C 64 -5.96 -38.96 -7.25
CA ARG C 64 -6.33 -40.30 -6.89
C ARG C 64 -7.48 -40.22 -5.96
N CYS C 65 -8.60 -40.84 -6.31
CA CYS C 65 -9.73 -40.81 -5.42
C CYS C 65 -10.24 -42.20 -5.10
N ASP C 66 -10.01 -42.60 -3.87
CA ASP C 66 -10.45 -43.89 -3.43
C ASP C 66 -11.95 -43.95 -3.47
N ARG C 67 -12.59 -42.90 -2.99
CA ARG C 67 -14.03 -42.89 -2.93
C ARG C 67 -14.58 -41.49 -2.91
N ASN C 68 -15.88 -41.36 -3.10
CA ASN C 68 -16.49 -40.06 -3.08
C ASN C 68 -16.30 -39.51 -1.69
N LEU C 69 -16.26 -38.20 -1.58
CA LEU C 69 -15.96 -37.53 -0.30
C LEU C 69 -16.75 -36.25 -0.20
N ALA C 70 -17.09 -35.87 1.04
CA ALA C 70 -17.81 -34.63 1.34
C ALA C 70 -17.18 -33.91 2.53
N MET C 71 -16.25 -33.03 2.17
CA MET C 71 -15.46 -32.30 3.13
C MET C 71 -16.03 -30.92 3.48
N GLY C 72 -16.43 -30.75 4.75
CA GLY C 72 -16.94 -29.47 5.27
C GLY C 72 -15.76 -28.67 5.75
N VAL C 73 -15.51 -27.56 5.13
CA VAL C 73 -14.28 -26.85 5.34
C VAL C 73 -14.70 -25.46 5.68
N ASN C 74 -14.08 -24.88 6.69
CA ASN C 74 -14.26 -23.44 7.04
C ASN C 74 -13.37 -22.64 6.10
N LEU C 75 -13.99 -21.97 5.15
CA LEU C 75 -13.25 -21.50 3.99
C LEU C 75 -12.20 -20.49 4.40
N THR C 76 -12.58 -19.68 5.39
CA THR C 76 -11.74 -18.62 5.92
C THR C 76 -10.40 -19.21 6.33
N SER C 77 -10.50 -20.28 7.12
CA SER C 77 -9.32 -20.99 7.61
C SER C 77 -8.60 -21.71 6.49
N MET C 78 -9.31 -22.32 5.57
CA MET C 78 -8.63 -22.87 4.36
C MET C 78 -7.91 -21.79 3.54
N SER C 79 -8.53 -20.63 3.46
CA SER C 79 -7.94 -19.50 2.75
C SER C 79 -6.64 -19.17 3.51
N LYS C 80 -6.76 -18.83 4.80
CA LYS C 80 -5.57 -18.56 5.67
C LYS C 80 -4.36 -19.51 5.39
N ILE C 81 -4.59 -20.84 5.36
CA ILE C 81 -3.53 -21.76 5.03
C ILE C 81 -3.05 -21.58 3.58
N LEU C 82 -3.94 -21.41 2.65
CA LEU C 82 -3.41 -21.29 1.32
C LEU C 82 -2.54 -20.05 1.15
N LYS C 83 -2.77 -19.04 1.99
CA LYS C 83 -2.03 -17.79 1.89
C LYS C 83 -0.51 -17.97 2.16
N CYS C 84 -0.19 -18.88 3.09
CA CYS C 84 1.20 -19.33 3.31
C CYS C 84 1.81 -19.95 2.08
N ALA C 85 0.95 -20.44 1.23
CA ALA C 85 1.40 -21.07 0.01
C ALA C 85 2.09 -20.10 -0.93
N GLY C 86 3.21 -20.52 -1.50
CA GLY C 86 3.92 -19.70 -2.45
C GLY C 86 3.29 -19.83 -3.81
N ASN C 87 3.46 -18.83 -4.68
CA ASN C 87 2.87 -18.88 -6.01
C ASN C 87 3.34 -19.95 -6.95
N GLU C 88 4.63 -20.21 -7.00
CA GLU C 88 5.14 -21.24 -7.90
C GLU C 88 4.93 -22.60 -7.25
N ASP C 89 4.53 -22.58 -5.98
CA ASP C 89 4.42 -23.76 -5.16
C ASP C 89 3.55 -24.86 -5.79
N ILE C 90 4.06 -26.12 -5.75
CA ILE C 90 3.30 -27.34 -6.10
C ILE C 90 2.50 -27.83 -4.87
N ILE C 91 1.18 -27.77 -5.00
CA ILE C 91 0.32 -27.99 -3.85
C ILE C 91 -0.36 -29.32 -3.98
N THR C 92 -0.26 -30.10 -2.92
CA THR C 92 -1.00 -31.34 -2.83
C THR C 92 -2.07 -31.20 -1.75
N LEU C 93 -3.24 -31.73 -2.05
CA LEU C 93 -4.31 -31.80 -1.11
C LEU C 93 -4.39 -33.27 -0.85
N ARG C 94 -4.33 -33.69 0.39
CA ARG C 94 -4.40 -35.10 0.70
C ARG C 94 -5.46 -35.30 1.78
N ALA C 95 -6.27 -36.33 1.65
CA ALA C 95 -7.30 -36.60 2.65
C ALA C 95 -7.29 -38.07 3.02
N GLU C 96 -7.61 -38.38 4.27
CA GLU C 96 -7.55 -39.76 4.72
C GLU C 96 -8.99 -40.20 4.93
N ASP C 97 -9.33 -41.41 4.48
CA ASP C 97 -10.71 -41.87 4.51
C ASP C 97 -11.48 -41.67 5.86
N ASN C 98 -10.86 -42.07 6.99
CA ASN C 98 -11.45 -41.93 8.34
C ASN C 98 -11.58 -40.49 8.76
N ALA C 99 -10.63 -39.67 8.24
CA ALA C 99 -10.29 -38.36 8.76
C ALA C 99 -11.32 -37.32 8.56
N ASP C 100 -11.34 -36.50 9.61
CA ASP C 100 -12.03 -35.26 9.63
C ASP C 100 -10.85 -34.35 9.67
N THR C 101 -10.00 -34.49 8.65
CA THR C 101 -8.77 -33.74 8.61
C THR C 101 -8.36 -33.58 7.16
N LEU C 102 -8.21 -32.31 6.73
CA LEU C 102 -7.69 -32.04 5.39
C LEU C 102 -6.29 -31.62 5.52
N ALA C 103 -5.43 -32.39 4.85
CA ALA C 103 -4.02 -32.03 4.81
C ALA C 103 -3.69 -31.28 3.56
N LEU C 104 -2.97 -30.15 3.69
CA LEU C 104 -2.40 -29.44 2.51
C LEU C 104 -0.87 -29.47 2.57
N VAL C 105 -0.22 -29.68 1.41
CA VAL C 105 1.22 -29.82 1.26
C VAL C 105 1.76 -28.91 0.14
N PHE C 106 2.63 -27.98 0.52
CA PHE C 106 3.25 -27.08 -0.43
C PHE C 106 4.77 -27.38 -0.52
N GLU C 107 5.20 -27.63 -1.77
CA GLU C 107 6.58 -27.85 -2.11
C GLU C 107 6.99 -26.78 -3.09
N ALA C 108 8.17 -26.20 -2.87
CA ALA C 108 8.64 -25.09 -3.69
C ALA C 108 9.39 -25.58 -4.96
N PRO C 109 9.58 -24.70 -5.98
CA PRO C 109 10.52 -24.99 -7.11
C PRO C 109 12.02 -24.94 -6.68
N ASN C 110 12.28 -24.15 -5.65
CA ASN C 110 13.45 -24.24 -4.74
C ASN C 110 13.90 -25.69 -4.43
N GLN C 111 12.94 -26.57 -4.18
CA GLN C 111 13.23 -27.99 -3.90
C GLN C 111 14.09 -28.20 -2.65
N GLU C 112 13.98 -27.34 -1.65
CA GLU C 112 14.76 -27.51 -0.40
C GLU C 112 14.02 -27.14 0.91
N LYS C 113 12.76 -26.74 0.71
CA LYS C 113 11.82 -26.29 1.74
C LYS C 113 10.55 -27.05 1.42
N VAL C 114 9.90 -27.56 2.47
CA VAL C 114 8.61 -28.16 2.29
C VAL C 114 7.74 -27.91 3.51
N SER C 115 6.66 -27.23 3.18
CA SER C 115 5.67 -26.81 4.13
C SER C 115 4.60 -27.84 4.02
N ASP C 116 3.96 -28.11 5.14
CA ASP C 116 2.73 -28.88 5.13
C ASP C 116 1.93 -28.63 6.40
N TYR C 117 0.61 -28.53 6.23
CA TYR C 117 -0.38 -28.14 7.25
C TYR C 117 -1.50 -29.21 7.25
N GLU C 118 -2.30 -29.17 8.31
CA GLU C 118 -3.47 -30.02 8.46
C GLU C 118 -4.58 -29.10 8.94
N MET C 119 -5.83 -29.35 8.55
CA MET C 119 -6.95 -28.53 9.04
C MET C 119 -8.17 -29.38 9.35
N LYS C 120 -8.88 -28.91 10.35
CA LYS C 120 -10.01 -29.62 10.86
C LYS C 120 -11.24 -29.53 9.93
N LEU C 121 -11.60 -30.65 9.35
CA LEU C 121 -12.90 -30.81 8.65
C LEU C 121 -14.07 -30.91 9.60
N MET C 122 -15.24 -30.51 9.12
CA MET C 122 -16.45 -30.52 9.91
C MET C 122 -17.57 -31.21 9.17
N ASP C 123 -18.57 -31.65 9.92
CA ASP C 123 -19.71 -32.30 9.32
C ASP C 123 -20.65 -31.21 8.86
N LEU C 124 -21.04 -31.21 7.59
CA LEU C 124 -21.91 -30.17 7.10
C LEU C 124 -23.04 -30.68 6.23
N ASP C 125 -24.20 -30.04 6.30
CA ASP C 125 -25.37 -30.45 5.53
C ASP C 125 -25.42 -29.89 4.12
N VAL C 126 -25.51 -30.79 3.15
CA VAL C 126 -25.54 -30.35 1.77
C VAL C 126 -26.91 -30.36 1.14
N GLU C 127 -27.39 -29.16 0.85
CA GLU C 127 -28.65 -28.96 0.19
C GLU C 127 -28.15 -28.50 -1.15
N GLN C 128 -28.70 -29.06 -2.20
CA GLN C 128 -28.20 -28.76 -3.55
C GLN C 128 -29.27 -28.34 -4.61
N LEU C 129 -29.17 -27.07 -4.99
CA LEU C 129 -30.00 -26.48 -6.00
C LEU C 129 -29.63 -27.01 -7.39
N GLY C 130 -30.62 -27.37 -8.19
CA GLY C 130 -30.33 -27.95 -9.50
C GLY C 130 -30.32 -26.79 -10.45
N ILE C 131 -29.30 -26.73 -11.29
CA ILE C 131 -29.18 -25.65 -12.25
C ILE C 131 -29.35 -26.22 -13.63
N PRO C 132 -30.39 -25.80 -14.30
CA PRO C 132 -30.72 -26.31 -15.62
C PRO C 132 -29.80 -25.87 -16.71
N GLU C 133 -29.56 -26.72 -17.68
CA GLU C 133 -28.71 -26.39 -18.81
C GLU C 133 -29.54 -25.35 -19.50
N GLN C 134 -28.92 -24.47 -20.27
CA GLN C 134 -29.69 -23.42 -20.91
C GLN C 134 -29.07 -22.75 -22.09
N GLU C 135 -29.89 -21.92 -22.71
CA GLU C 135 -29.52 -21.11 -23.83
C GLU C 135 -29.91 -19.76 -23.30
N TYR C 136 -29.09 -18.75 -23.53
CA TYR C 136 -29.39 -17.45 -23.01
C TYR C 136 -29.56 -16.43 -24.10
N SER C 137 -30.43 -15.48 -23.86
CA SER C 137 -30.67 -14.42 -24.83
C SER C 137 -29.32 -13.75 -25.27
N CYS C 138 -28.58 -13.06 -24.36
CA CYS C 138 -27.24 -12.53 -24.71
C CYS C 138 -26.18 -13.20 -23.88
N VAL C 139 -24.95 -13.26 -24.42
CA VAL C 139 -23.84 -13.86 -23.76
C VAL C 139 -22.68 -12.98 -24.16
N VAL C 140 -22.16 -12.22 -23.20
CA VAL C 140 -21.11 -11.29 -23.53
C VAL C 140 -19.84 -11.89 -23.11
N LYS C 141 -18.82 -11.81 -24.00
CA LYS C 141 -17.46 -12.18 -23.69
C LYS C 141 -16.65 -10.94 -23.70
N MET C 142 -16.13 -10.54 -22.53
CA MET C 142 -15.25 -9.36 -22.38
C MET C 142 -14.02 -9.70 -21.56
N PRO C 143 -13.06 -8.77 -21.45
CA PRO C 143 -11.92 -9.24 -20.64
C PRO C 143 -12.23 -9.02 -19.17
N SER C 144 -11.70 -9.88 -18.33
CA SER C 144 -12.02 -9.81 -16.94
C SER C 144 -11.72 -8.52 -16.28
N GLY C 145 -10.57 -7.95 -16.53
CA GLY C 145 -10.21 -6.72 -15.88
C GLY C 145 -11.15 -5.59 -16.21
N GLU C 146 -11.55 -5.50 -17.46
CA GLU C 146 -12.39 -4.41 -17.87
C GLU C 146 -13.66 -4.47 -17.08
N PHE C 147 -14.19 -5.66 -16.93
CA PHE C 147 -15.40 -5.82 -16.18
C PHE C 147 -15.14 -5.41 -14.77
N ALA C 148 -14.00 -5.84 -14.24
CA ALA C 148 -13.71 -5.55 -12.87
C ALA C 148 -13.69 -4.08 -12.68
N ARG C 149 -13.00 -3.37 -13.56
CA ARG C 149 -13.01 -1.91 -13.46
C ARG C 149 -14.44 -1.33 -13.54
N ILE C 150 -15.27 -1.83 -14.45
CA ILE C 150 -16.53 -1.22 -14.72
C ILE C 150 -17.41 -1.29 -13.52
N CYS C 151 -17.49 -2.43 -12.91
CA CYS C 151 -18.29 -2.54 -11.73
C CYS C 151 -17.76 -1.65 -10.65
N ARG C 152 -16.45 -1.61 -10.50
CA ARG C 152 -15.86 -0.80 -9.46
C ARG C 152 -16.13 0.69 -9.61
N ASP C 153 -15.97 1.22 -10.81
CA ASP C 153 -16.20 2.62 -11.02
C ASP C 153 -17.64 2.98 -10.83
N LEU C 154 -18.53 2.21 -11.41
CA LEU C 154 -19.97 2.49 -11.24
C LEU C 154 -20.48 2.45 -9.83
N SER C 155 -19.72 1.83 -8.95
CA SER C 155 -20.17 1.63 -7.59
C SER C 155 -20.04 2.93 -6.85
N HIS C 156 -19.46 3.94 -7.49
CA HIS C 156 -19.47 5.26 -6.91
C HIS C 156 -20.66 6.07 -7.35
N ILE C 157 -21.41 5.51 -8.28
CA ILE C 157 -22.39 6.25 -8.99
C ILE C 157 -23.74 5.94 -8.43
N GLY C 158 -23.99 4.66 -8.16
CA GLY C 158 -25.26 4.21 -7.57
C GLY C 158 -25.25 2.73 -7.16
N ASP C 159 -26.39 2.20 -6.65
CA ASP C 159 -26.33 0.90 -6.03
C ASP C 159 -26.57 -0.26 -6.93
N ALA C 160 -27.25 0.01 -8.05
CA ALA C 160 -27.31 -0.98 -9.13
C ALA C 160 -26.71 -0.56 -10.50
N VAL C 161 -26.18 -1.52 -11.23
CA VAL C 161 -25.84 -1.40 -12.65
C VAL C 161 -26.97 -1.88 -13.55
N VAL C 162 -26.98 -1.41 -14.81
CA VAL C 162 -27.85 -1.93 -15.88
C VAL C 162 -27.00 -2.43 -17.02
N ILE C 163 -27.29 -3.61 -17.51
CA ILE C 163 -26.50 -4.15 -18.63
C ILE C 163 -27.46 -4.31 -19.79
N SER C 164 -27.15 -3.64 -20.92
CA SER C 164 -27.94 -3.70 -22.16
C SER C 164 -27.11 -4.37 -23.20
N CYS C 165 -27.66 -5.35 -23.93
CA CYS C 165 -27.00 -5.77 -25.15
C CYS C 165 -27.86 -5.63 -26.37
N ALA C 166 -27.15 -5.29 -27.46
CA ALA C 166 -27.55 -5.48 -28.86
C ALA C 166 -26.35 -6.15 -29.51
N LYS C 167 -26.31 -6.17 -30.85
CA LYS C 167 -25.18 -6.72 -31.63
C LYS C 167 -24.11 -5.67 -31.82
N ASP C 168 -24.51 -4.40 -31.73
CA ASP C 168 -23.53 -3.30 -31.76
C ASP C 168 -22.49 -3.49 -30.60
N GLY C 169 -22.97 -3.40 -29.37
CA GLY C 169 -22.12 -3.60 -28.18
C GLY C 169 -22.96 -3.69 -26.92
N VAL C 170 -22.35 -3.49 -25.77
CA VAL C 170 -23.05 -3.59 -24.49
C VAL C 170 -22.82 -2.32 -23.69
N LYS C 171 -23.87 -1.77 -23.11
CA LYS C 171 -23.85 -0.53 -22.34
C LYS C 171 -24.05 -0.74 -20.79
N PHE C 172 -23.02 -0.53 -20.00
CA PHE C 172 -23.18 -0.55 -18.57
C PHE C 172 -23.58 0.77 -18.00
N SER C 173 -24.74 0.87 -17.37
CA SER C 173 -25.21 2.18 -16.86
C SER C 173 -25.61 2.19 -15.37
N ALA C 174 -25.45 3.34 -14.71
CA ALA C 174 -26.01 3.57 -13.38
C ALA C 174 -26.24 5.05 -13.10
N SER C 175 -26.95 5.32 -12.02
CA SER C 175 -27.27 6.66 -11.66
C SER C 175 -27.53 6.70 -10.14
N GLY C 176 -27.23 7.85 -9.51
CA GLY C 176 -27.41 8.04 -8.07
C GLY C 176 -27.48 9.50 -7.73
N GLU C 177 -27.51 9.82 -6.43
CA GLU C 177 -27.56 11.22 -5.91
C GLU C 177 -26.50 12.11 -6.54
N LEU C 178 -25.42 11.46 -6.93
CA LEU C 178 -24.29 12.06 -7.58
C LEU C 178 -24.55 12.51 -9.00
N GLY C 179 -25.18 11.64 -9.79
CA GLY C 179 -25.22 11.76 -11.24
C GLY C 179 -25.30 10.41 -11.96
N ASN C 180 -24.95 10.38 -13.24
CA ASN C 180 -25.13 9.20 -14.12
C ASN C 180 -23.90 8.76 -14.88
N GLY C 181 -23.83 7.48 -15.12
CA GLY C 181 -22.78 6.91 -15.92
C GLY C 181 -23.29 5.89 -16.93
N ASN C 182 -22.72 5.92 -18.11
CA ASN C 182 -22.99 4.96 -19.15
C ASN C 182 -21.64 4.64 -19.68
N ILE C 183 -21.31 3.36 -19.71
CA ILE C 183 -20.07 2.90 -20.26
C ILE C 183 -20.32 1.98 -21.43
N LYS C 184 -19.96 2.46 -22.63
CA LYS C 184 -20.22 1.83 -23.93
C LYS C 184 -19.00 1.00 -24.47
N LEU C 185 -19.11 -0.30 -24.35
CA LEU C 185 -18.16 -1.18 -25.00
C LEU C 185 -18.81 -1.50 -26.32
N SER C 186 -18.08 -1.19 -27.38
CA SER C 186 -18.45 -1.53 -28.75
C SER C 186 -17.69 -2.81 -29.03
N GLN C 187 -18.30 -3.68 -29.84
CA GLN C 187 -17.79 -5.01 -30.15
C GLN C 187 -16.43 -5.10 -30.82
N THR C 188 -15.68 -6.11 -30.41
CA THR C 188 -14.34 -6.36 -30.90
C THR C 188 -14.07 -7.75 -31.45
N SER C 189 -15.10 -8.48 -31.85
CA SER C 189 -14.92 -9.86 -32.32
C SER C 189 -14.06 -10.05 -33.56
N ASN C 190 -14.14 -9.14 -34.53
CA ASN C 190 -13.41 -9.33 -35.76
C ASN C 190 -11.92 -9.46 -35.59
N VAL C 191 -11.31 -8.67 -34.71
CA VAL C 191 -9.88 -8.78 -34.50
C VAL C 191 -9.73 -10.12 -33.81
N ASP C 192 -8.55 -10.75 -33.89
CA ASP C 192 -8.42 -12.06 -33.23
C ASP C 192 -8.68 -11.78 -31.78
N LYS C 193 -8.01 -10.75 -31.25
CA LYS C 193 -8.26 -10.29 -29.91
C LYS C 193 -8.46 -11.41 -28.90
N GLU C 194 -7.50 -12.30 -28.77
CA GLU C 194 -7.70 -13.43 -27.86
C GLU C 194 -7.95 -12.96 -26.43
N GLU C 195 -7.26 -11.92 -26.01
CA GLU C 195 -7.47 -11.44 -24.65
C GLU C 195 -8.36 -10.22 -24.59
N GLU C 196 -8.05 -9.24 -25.42
CA GLU C 196 -8.71 -7.95 -25.49
C GLU C 196 -10.15 -7.82 -26.00
N ALA C 197 -10.57 -8.78 -26.82
CA ALA C 197 -11.87 -8.77 -27.48
C ALA C 197 -13.16 -8.82 -26.70
N VAL C 198 -14.18 -8.18 -27.28
CA VAL C 198 -15.52 -8.16 -26.75
C VAL C 198 -16.40 -8.78 -27.82
N THR C 199 -17.19 -9.77 -27.44
CA THR C 199 -18.06 -10.50 -28.33
C THR C 199 -19.48 -10.57 -27.85
N ILE C 200 -20.46 -10.21 -28.66
CA ILE C 200 -21.83 -10.38 -28.17
C ILE C 200 -22.53 -11.46 -29.00
N GLU C 201 -22.60 -12.70 -28.46
CA GLU C 201 -23.47 -13.78 -29.02
C GLU C 201 -24.92 -13.66 -28.60
N MET C 202 -25.52 -12.53 -28.96
CA MET C 202 -26.90 -12.25 -28.70
C MET C 202 -27.85 -13.04 -29.58
N ASN C 203 -28.86 -13.61 -28.96
CA ASN C 203 -29.99 -14.25 -29.64
C ASN C 203 -31.17 -13.34 -29.61
N GLU C 204 -31.10 -12.30 -28.80
CA GLU C 204 -32.18 -11.35 -28.63
C GLU C 204 -31.69 -10.26 -27.67
N PRO C 205 -32.33 -9.05 -27.62
CA PRO C 205 -31.75 -8.03 -26.71
C PRO C 205 -32.13 -8.27 -25.27
N VAL C 206 -31.34 -7.71 -24.37
CA VAL C 206 -31.60 -7.89 -22.94
C VAL C 206 -31.31 -6.61 -22.21
N GLN C 207 -32.01 -6.39 -21.10
CA GLN C 207 -31.81 -5.20 -20.33
C GLN C 207 -32.21 -5.37 -18.85
N LEU C 208 -31.21 -5.81 -18.08
CA LEU C 208 -31.37 -6.27 -16.69
C LEU C 208 -30.52 -5.46 -15.70
N THR C 209 -30.96 -5.53 -14.46
CA THR C 209 -30.47 -4.64 -13.41
C THR C 209 -29.93 -5.54 -12.29
N PHE C 210 -28.62 -5.39 -12.02
CA PHE C 210 -27.88 -6.17 -11.03
C PHE C 210 -27.31 -5.37 -9.85
N ALA C 211 -27.24 -6.01 -8.67
CA ALA C 211 -26.69 -5.29 -7.49
C ALA C 211 -25.19 -5.14 -7.59
N LEU C 212 -24.71 -3.91 -7.64
CA LEU C 212 -23.26 -3.78 -7.87
C LEU C 212 -22.43 -4.47 -6.73
N ARG C 213 -23.02 -4.45 -5.50
CA ARG C 213 -22.39 -5.04 -4.33
C ARG C 213 -21.94 -6.50 -4.61
N TYR C 214 -22.81 -7.24 -5.29
CA TYR C 214 -22.55 -8.64 -5.50
C TYR C 214 -21.69 -8.85 -6.71
N LEU C 215 -21.90 -8.08 -7.76
CA LEU C 215 -20.95 -8.24 -8.85
C LEU C 215 -19.51 -8.00 -8.31
N ASN C 216 -19.37 -7.00 -7.44
CA ASN C 216 -18.06 -6.71 -6.94
C ASN C 216 -17.37 -7.77 -6.09
N PHE C 217 -18.15 -8.62 -5.41
CA PHE C 217 -17.55 -9.81 -4.80
C PHE C 217 -17.12 -10.74 -5.87
N PHE C 218 -17.94 -10.85 -6.91
CA PHE C 218 -17.66 -11.87 -7.94
C PHE C 218 -16.35 -11.57 -8.62
N THR C 219 -16.06 -10.27 -8.83
CA THR C 219 -14.84 -9.86 -9.54
C THR C 219 -13.53 -10.19 -8.83
N LYS C 220 -13.63 -10.70 -7.61
CA LYS C 220 -12.47 -11.20 -6.91
C LYS C 220 -11.94 -12.47 -7.61
N ALA C 221 -12.68 -13.01 -8.56
CA ALA C 221 -12.16 -14.16 -9.27
C ALA C 221 -11.25 -13.71 -10.41
N THR C 222 -11.12 -12.39 -10.60
CA THR C 222 -10.48 -11.89 -11.81
C THR C 222 -9.10 -12.56 -12.12
N PRO C 223 -8.20 -12.58 -11.12
CA PRO C 223 -6.94 -13.24 -11.36
C PRO C 223 -7.02 -14.71 -11.87
N LEU C 224 -8.19 -15.30 -12.01
CA LEU C 224 -8.22 -16.71 -12.35
C LEU C 224 -8.15 -16.88 -13.85
N SER C 225 -8.39 -15.78 -14.59
CA SER C 225 -8.61 -15.86 -16.03
C SER C 225 -8.56 -14.46 -16.63
N SER C 226 -7.94 -14.32 -17.78
CA SER C 226 -7.99 -13.05 -18.45
C SER C 226 -9.41 -12.63 -18.97
N THR C 227 -10.38 -13.54 -19.12
CA THR C 227 -11.73 -13.13 -19.56
C THR C 227 -12.85 -13.65 -18.68
N VAL C 228 -14.01 -13.08 -18.91
CA VAL C 228 -15.20 -13.32 -18.10
C VAL C 228 -16.36 -13.37 -19.10
N THR C 229 -17.44 -14.01 -18.72
CA THR C 229 -18.56 -14.10 -19.61
C THR C 229 -19.82 -13.89 -18.85
N LEU C 230 -20.75 -13.15 -19.40
CA LEU C 230 -21.99 -12.92 -18.73
C LEU C 230 -23.05 -13.49 -19.58
N SER C 231 -23.86 -14.39 -19.04
CA SER C 231 -24.93 -14.99 -19.80
C SER C 231 -26.19 -14.48 -19.19
N MET C 232 -27.08 -13.95 -20.00
CA MET C 232 -28.31 -13.40 -19.46
C MET C 232 -29.57 -13.63 -20.26
N SER C 233 -30.67 -13.28 -19.64
CA SER C 233 -32.04 -13.48 -20.21
C SER C 233 -32.91 -12.97 -19.12
N ALA C 234 -34.16 -12.58 -19.42
CA ALA C 234 -34.87 -11.72 -18.43
C ALA C 234 -35.27 -12.59 -17.29
N ASP C 235 -35.27 -12.05 -16.07
CA ASP C 235 -35.90 -12.76 -14.97
C ASP C 235 -35.34 -14.15 -14.84
N VAL C 236 -34.07 -14.27 -15.14
CA VAL C 236 -33.39 -15.52 -15.05
C VAL C 236 -32.09 -15.02 -14.51
N PRO C 237 -31.42 -15.85 -13.75
CA PRO C 237 -30.32 -15.21 -13.13
C PRO C 237 -29.09 -15.27 -14.05
N LEU C 238 -28.19 -14.36 -13.75
CA LEU C 238 -27.00 -14.14 -14.48
C LEU C 238 -25.98 -15.22 -14.16
N VAL C 239 -25.23 -15.63 -15.15
CA VAL C 239 -24.12 -16.52 -14.96
C VAL C 239 -22.91 -15.68 -15.31
N VAL C 240 -22.11 -15.38 -14.29
CA VAL C 240 -20.80 -14.78 -14.47
C VAL C 240 -19.69 -15.86 -14.35
N GLU C 241 -19.03 -16.15 -15.50
CA GLU C 241 -18.13 -17.33 -15.63
C GLU C 241 -16.71 -16.99 -15.90
N TYR C 242 -15.85 -17.57 -15.07
CA TYR C 242 -14.42 -17.41 -15.14
C TYR C 242 -13.87 -18.80 -15.45
N LYS C 243 -13.32 -19.04 -16.64
CA LYS C 243 -12.61 -20.36 -16.88
C LYS C 243 -11.33 -20.51 -16.04
N ILE C 244 -10.91 -21.75 -15.87
CA ILE C 244 -9.66 -22.12 -15.22
C ILE C 244 -9.06 -22.98 -16.32
N ALA C 245 -7.75 -23.10 -16.45
CA ALA C 245 -7.25 -23.41 -17.83
C ALA C 245 -7.29 -24.90 -18.05
N ASP C 246 -8.43 -25.28 -18.61
CA ASP C 246 -8.71 -26.67 -19.03
C ASP C 246 -9.15 -27.50 -17.89
N MET C 247 -9.08 -26.91 -16.70
CA MET C 247 -9.39 -27.55 -15.48
C MET C 247 -10.90 -27.46 -15.13
N GLY C 248 -11.54 -26.32 -15.40
CA GLY C 248 -12.91 -26.13 -14.97
C GLY C 248 -13.29 -24.69 -15.02
N HIS C 249 -14.07 -24.25 -14.08
CA HIS C 249 -14.58 -22.91 -14.16
C HIS C 249 -15.09 -22.47 -12.82
N LEU C 250 -15.27 -21.18 -12.63
CA LEU C 250 -15.92 -20.69 -11.47
C LEU C 250 -17.05 -19.77 -11.99
N LYS C 251 -18.28 -20.25 -11.82
CA LYS C 251 -19.47 -19.53 -12.15
C LYS C 251 -20.13 -18.97 -10.87
N TYR C 252 -20.51 -17.71 -10.91
CA TYR C 252 -21.45 -17.15 -9.95
C TYR C 252 -22.78 -16.95 -10.62
N TYR C 253 -23.85 -17.20 -9.88
CA TYR C 253 -25.24 -16.99 -10.34
C TYR C 253 -25.86 -15.87 -9.52
N LEU C 254 -26.53 -14.92 -10.16
CA LEU C 254 -27.12 -13.73 -9.45
C LEU C 254 -28.36 -13.17 -10.13
N ALA C 255 -29.39 -12.94 -9.31
CA ALA C 255 -30.67 -12.60 -9.87
C ALA C 255 -30.80 -11.09 -10.15
N PRO C 256 -31.47 -10.72 -11.26
CA PRO C 256 -31.81 -9.36 -11.67
C PRO C 256 -32.94 -8.72 -10.87
N LYS C 257 -33.34 -7.50 -11.25
CA LYS C 257 -34.59 -6.88 -10.72
C LYS C 257 -35.81 -7.60 -11.31
N ILE C 258 -37.00 -7.48 -10.66
CA ILE C 258 -38.32 -8.10 -11.08
C ILE C 258 -38.25 -9.42 -11.91
N ASN D 11 -9.30 3.61 -9.27
CA ASN D 11 -10.46 3.75 -8.34
C ASN D 11 -10.83 2.41 -7.59
N PRO D 12 -11.03 2.44 -6.21
CA PRO D 12 -11.37 1.23 -5.36
C PRO D 12 -12.86 1.05 -5.16
N VAL D 13 -13.32 -0.15 -4.78
CA VAL D 13 -14.79 -0.45 -4.76
C VAL D 13 -15.48 0.32 -3.62
N CYS D 14 -16.40 1.24 -3.89
CA CYS D 14 -17.24 1.80 -2.81
C CYS D 14 -18.41 0.84 -2.48
N VAL D 15 -18.26 0.01 -1.43
CA VAL D 15 -19.12 -1.20 -1.22
C VAL D 15 -20.55 -0.79 -0.93
N ARG D 16 -21.44 -1.09 -1.88
CA ARG D 16 -22.84 -0.65 -1.83
C ARG D 16 -23.77 -1.52 -0.93
N PRO D 17 -24.93 -1.00 -0.50
CA PRO D 17 -25.94 -1.85 0.16
C PRO D 17 -26.64 -2.84 -0.79
N THR D 18 -27.19 -3.92 -0.24
CA THR D 18 -27.95 -4.88 -1.02
C THR D 18 -29.23 -4.15 -1.32
N PRO D 19 -29.62 -4.02 -2.61
CA PRO D 19 -30.83 -3.31 -2.97
C PRO D 19 -32.05 -3.94 -2.35
N LYS D 20 -33.11 -3.15 -2.18
CA LYS D 20 -34.27 -3.71 -1.52
C LYS D 20 -35.05 -4.67 -2.41
N TRP D 21 -34.95 -4.51 -3.73
CA TRP D 21 -35.65 -5.39 -4.71
C TRP D 21 -35.03 -6.78 -4.80
N GLN D 22 -33.80 -6.94 -4.26
CA GLN D 22 -32.98 -8.17 -4.47
C GLN D 22 -33.68 -9.44 -4.03
N LYS D 23 -33.76 -10.40 -4.94
CA LYS D 23 -34.41 -11.67 -4.66
C LYS D 23 -33.40 -12.77 -4.59
N GLY D 24 -33.51 -13.62 -3.59
CA GLY D 24 -32.56 -14.75 -3.40
C GLY D 24 -32.50 -15.81 -4.51
N ILE D 25 -31.31 -16.41 -4.71
CA ILE D 25 -31.15 -17.38 -5.77
C ILE D 25 -32.11 -18.56 -5.61
N GLY D 26 -32.51 -18.85 -4.39
CA GLY D 26 -33.45 -19.96 -4.15
C GLY D 26 -34.89 -19.71 -4.55
N GLU D 27 -35.10 -18.76 -5.42
CA GLU D 27 -36.39 -18.42 -5.91
C GLU D 27 -36.44 -18.70 -7.43
N PHE D 28 -35.34 -19.20 -7.99
CA PHE D 28 -35.24 -19.48 -9.40
C PHE D 28 -34.64 -20.87 -9.49
N PHE D 29 -34.04 -21.34 -8.42
CA PHE D 29 -33.47 -22.66 -8.46
C PHE D 29 -34.05 -23.58 -7.41
N ARG D 30 -34.32 -24.81 -7.82
CA ARG D 30 -34.94 -25.80 -6.96
C ARG D 30 -34.01 -26.91 -6.53
N LEU D 31 -34.17 -27.37 -5.31
CA LEU D 31 -33.35 -28.45 -4.81
C LEU D 31 -33.42 -29.60 -5.78
N ASN E 11 8.80 8.52 5.29
CA ASN E 11 8.39 9.55 6.32
C ASN E 11 7.20 10.34 5.75
N PRO E 12 5.95 10.05 6.24
CA PRO E 12 4.69 10.61 5.66
C PRO E 12 4.45 12.07 6.10
N VAL E 13 3.49 12.79 5.53
CA VAL E 13 3.13 14.09 6.14
C VAL E 13 2.57 13.98 7.59
N CYS E 14 2.99 14.88 8.48
CA CYS E 14 2.45 14.90 9.82
C CYS E 14 1.57 16.10 9.69
N VAL E 15 0.30 15.97 10.05
CA VAL E 15 -0.57 17.09 9.88
C VAL E 15 -0.50 17.99 11.06
N ARG E 16 0.19 19.08 10.85
CA ARG E 16 0.36 20.08 11.87
C ARG E 16 -0.88 20.91 11.96
N PRO E 17 -1.06 21.54 13.16
CA PRO E 17 -2.26 22.36 13.26
C PRO E 17 -1.95 23.73 12.75
N THR E 18 -2.95 24.57 12.64
CA THR E 18 -2.72 25.91 12.19
C THR E 18 -2.29 26.73 13.37
N PRO E 19 -1.11 27.30 13.27
CA PRO E 19 -0.49 28.09 14.31
C PRO E 19 -1.38 29.26 14.76
N LYS E 20 -1.40 29.54 16.07
CA LYS E 20 -2.12 30.70 16.57
C LYS E 20 -1.83 32.03 15.80
N TRP E 21 -0.68 32.15 15.15
CA TRP E 21 -0.40 33.40 14.43
C TRP E 21 -0.95 33.49 12.96
N GLN E 22 -1.45 32.39 12.36
CA GLN E 22 -1.71 32.41 10.89
C GLN E 22 -2.74 33.50 10.56
N LYS E 23 -2.48 34.38 9.59
CA LYS E 23 -3.48 35.37 9.16
C LYS E 23 -4.15 34.89 7.88
N GLY E 24 -5.37 35.36 7.67
CA GLY E 24 -6.10 34.86 6.49
C GLY E 24 -5.68 35.66 5.28
N ILE E 25 -5.74 35.05 4.11
CA ILE E 25 -5.35 35.74 2.87
C ILE E 25 -6.29 36.86 2.61
N GLY E 26 -7.43 36.80 3.29
CA GLY E 26 -8.33 37.98 3.38
C GLY E 26 -7.70 39.29 3.77
N GLU E 27 -6.70 39.20 4.63
CA GLU E 27 -6.09 40.35 5.18
C GLU E 27 -5.09 40.93 4.22
N PHE E 28 -4.96 40.42 2.99
CA PHE E 28 -3.89 40.88 2.08
C PHE E 28 -4.43 41.21 0.74
N PHE E 29 -5.58 40.68 0.39
CA PHE E 29 -6.18 41.08 -0.85
C PHE E 29 -7.52 41.79 -0.66
N ARG E 30 -8.02 42.42 -1.71
CA ARG E 30 -9.36 42.99 -1.64
C ARG E 30 -10.38 41.98 -2.11
N LEU E 31 -11.44 41.76 -1.33
CA LEU E 31 -12.65 41.17 -1.89
C LEU E 31 -13.14 42.34 -2.64
N SER E 32 -13.85 42.19 -3.76
CA SER E 32 -14.37 40.95 -4.32
C SER E 32 -13.76 40.62 -5.70
N GLY F 10 0.63 -12.45 -0.59
CA GLY F 10 -0.12 -11.33 0.12
C GLY F 10 -0.21 -11.46 1.65
N ASN F 11 0.46 -12.46 2.24
CA ASN F 11 0.39 -12.75 3.70
C ASN F 11 0.94 -11.65 4.58
N PRO F 12 0.14 -11.11 5.52
CA PRO F 12 0.65 -10.14 6.51
C PRO F 12 1.22 -10.93 7.66
N VAL F 13 1.55 -10.30 8.78
CA VAL F 13 2.02 -10.98 10.03
C VAL F 13 0.91 -10.95 11.01
N CYS F 14 0.32 -12.09 11.37
CA CYS F 14 -0.66 -12.00 12.43
C CYS F 14 0.20 -11.75 13.60
N VAL F 15 0.05 -10.61 14.27
CA VAL F 15 0.99 -10.35 15.41
C VAL F 15 0.38 -10.92 16.65
N ARG F 16 1.13 -11.70 17.40
CA ARG F 16 0.53 -12.63 18.35
C ARG F 16 0.57 -12.25 19.85
N PRO F 17 -0.32 -12.87 20.68
CA PRO F 17 -0.11 -12.62 22.11
C PRO F 17 1.17 -13.34 22.70
N THR F 18 1.54 -12.88 23.90
CA THR F 18 2.67 -13.48 24.61
C THR F 18 2.11 -14.72 25.33
N PRO F 19 2.76 -15.90 25.14
CA PRO F 19 2.40 -17.13 25.88
C PRO F 19 2.41 -16.82 27.33
N LYS F 20 1.57 -17.50 28.15
CA LYS F 20 1.59 -17.23 29.61
C LYS F 20 2.87 -17.84 30.14
N TRP F 21 3.34 -18.89 29.49
CA TRP F 21 4.59 -19.51 29.82
C TRP F 21 5.90 -18.80 29.54
N GLN F 22 5.86 -17.61 28.92
CA GLN F 22 7.10 -16.90 28.52
C GLN F 22 7.77 -16.24 29.76
N LYS F 23 9.05 -16.57 29.92
CA LYS F 23 9.89 -16.07 31.00
C LYS F 23 10.77 -14.94 30.42
N GLY F 24 10.95 -13.86 31.20
CA GLY F 24 11.73 -12.69 30.76
C GLY F 24 13.24 -12.91 30.76
N ILE F 25 14.00 -12.27 29.85
CA ILE F 25 15.48 -12.44 29.82
C ILE F 25 16.16 -12.07 31.15
N GLY F 26 15.48 -11.30 32.01
CA GLY F 26 15.93 -11.07 33.41
C GLY F 26 16.35 -12.34 34.14
N GLU F 27 15.59 -13.40 33.94
CA GLU F 27 15.73 -14.62 34.72
C GLU F 27 16.80 -15.53 34.13
N PHE F 28 17.60 -15.03 33.17
CA PHE F 28 18.64 -15.87 32.51
C PHE F 28 19.98 -15.23 32.39
N PHE F 29 20.04 -13.93 32.67
CA PHE F 29 21.23 -13.12 32.64
C PHE F 29 21.20 -12.22 33.86
N ARG F 30 22.37 -11.94 34.42
CA ARG F 30 22.48 -11.11 35.61
C ARG F 30 22.98 -9.71 35.34
N LEU F 31 22.60 -8.76 36.19
CA LEU F 31 23.01 -7.39 36.03
C LEU F 31 24.51 -7.25 36.17
N SER F 32 25.08 -6.40 35.33
CA SER F 32 26.51 -6.14 35.32
C SER F 32 26.92 -5.25 36.47
#